data_8TIF
# 
_entry.id   8TIF 
# 
_audit_conform.dict_name       mmcif_pdbx.dic 
_audit_conform.dict_version    5.403 
_audit_conform.dict_location   http://mmcif.pdb.org/dictionaries/ascii/mmcif_pdbx.dic 
# 
loop_
_database_2.database_id 
_database_2.database_code 
_database_2.pdbx_database_accession 
_database_2.pdbx_DOI 
PDB   8TIF         pdb_00008tif 10.2210/pdb8tif/pdb 
WWPDB D_1000276032 ?            ?                   
EMDB  EMD-41286    ?            ?                   
# 
loop_
_pdbx_audit_revision_history.ordinal 
_pdbx_audit_revision_history.data_content_type 
_pdbx_audit_revision_history.major_revision 
_pdbx_audit_revision_history.minor_revision 
_pdbx_audit_revision_history.revision_date 
_pdbx_audit_revision_history.part_number 
1  'Structure model' 1 0 2024-01-10 ? 
2  'EM metadata'     1 0 2024-01-10 ? 
3  'Half map'        1 0 2024-01-10 1 
4  'Half map'        1 0 2024-01-10 2 
5  Image             1 0 2024-01-10 ? 
6  'Primary map'     1 0 2024-01-10 ? 
7  'Structure model' 1 1 2024-07-24 ? 
8  'Half map'        1 0 2024-01-10 1 
9  'Half map'        1 0 2024-01-10 2 
10 Image             1 0 2024-01-10 ? 
11 'Primary map'     1 0 2024-01-10 ? 
12 'Structure model' 1 2 2025-05-28 ? 
13 'EM metadata'     1 1 2025-05-28 ? 
# 
loop_
_pdbx_audit_revision_details.ordinal 
_pdbx_audit_revision_details.revision_ordinal 
_pdbx_audit_revision_details.data_content_type 
_pdbx_audit_revision_details.provider 
_pdbx_audit_revision_details.type 
_pdbx_audit_revision_details.description 
_pdbx_audit_revision_details.details 
1  1  'Structure model' repository 'Initial release' ? ? 
2  2  'EM metadata'     repository 'Initial release' ? ? 
3  3  'Half map'        repository 'Initial release' ? ? 
4  4  'Half map'        repository 'Initial release' ? ? 
5  5  Image             repository 'Initial release' ? ? 
6  6  'Primary map'     repository 'Initial release' ? ? 
7  8  'Half map'        repository 'Initial release' ? ? 
8  9  'Half map'        repository 'Initial release' ? ? 
9  10 Image             repository 'Initial release' ? ? 
10 11 'Primary map'     repository 'Initial release' ? ? 
# 
loop_
_pdbx_audit_revision_group.ordinal 
_pdbx_audit_revision_group.revision_ordinal 
_pdbx_audit_revision_group.data_content_type 
_pdbx_audit_revision_group.group 
1 7  'Structure model' 'Data collection'      
2 7  'Structure model' 'Database references'  
3 12 'Structure model' 'Data collection'      
4 12 'Structure model' 'Structure summary'    
5 13 'EM metadata'     'Data processing'      
6 13 'EM metadata'     'Experimental summary' 
# 
loop_
_pdbx_audit_revision_category.ordinal 
_pdbx_audit_revision_category.revision_ordinal 
_pdbx_audit_revision_category.data_content_type 
_pdbx_audit_revision_category.category 
1 7  'Structure model' citation           
2 7  'Structure model' citation_author    
3 7  'Structure model' em_admin           
4 12 'Structure model' em_admin           
5 12 'Structure model' em_software        
6 12 'Structure model' pdbx_entry_details 
7 13 'EM metadata'     em_admin           
8 13 'EM metadata'     em_software        
# 
loop_
_pdbx_audit_revision_item.ordinal 
_pdbx_audit_revision_item.revision_ordinal 
_pdbx_audit_revision_item.data_content_type 
_pdbx_audit_revision_item.item 
1  7  'Structure model' '_citation.country'                 
2  7  'Structure model' '_citation.journal_abbrev'          
3  7  'Structure model' '_citation.journal_id_CSD'          
4  7  'Structure model' '_citation.journal_id_ISSN'         
5  7  'Structure model' '_citation.journal_volume'          
6  7  'Structure model' '_citation.page_first'              
7  7  'Structure model' '_citation.page_last'               
8  7  'Structure model' '_citation.pdbx_database_id_DOI'    
9  7  'Structure model' '_citation.pdbx_database_id_PubMed' 
10 7  'Structure model' '_citation.title'                   
11 7  'Structure model' '_citation.year'                    
12 7  'Structure model' '_citation_author.identifier_ORCID' 
13 7  'Structure model' '_citation_author.name'             
14 7  'Structure model' '_em_admin.last_update'             
15 12 'Structure model' '_em_admin.last_update'             
16 12 'Structure model' '_em_software.name'                 
17 13 'EM metadata'     '_em_admin.last_update'             
18 13 'EM metadata'     '_em_software.name'                 
# 
_pdbx_database_status.status_code                     REL 
_pdbx_database_status.status_code_sf                  ? 
_pdbx_database_status.status_code_mr                  ? 
_pdbx_database_status.entry_id                        8TIF 
_pdbx_database_status.recvd_initial_deposition_date   2023-07-19 
_pdbx_database_status.SG_entry                        N 
_pdbx_database_status.deposit_site                    RCSB 
_pdbx_database_status.process_site                    RCSB 
_pdbx_database_status.status_code_cs                  ? 
_pdbx_database_status.status_code_nmr_data            ? 
_pdbx_database_status.methods_development_category    ? 
_pdbx_database_status.pdb_format_compatible           Y 
# 
_pdbx_database_related.db_name        EMDB 
_pdbx_database_related.details        'Cryo-EM of mono-pilus from S. islandicus REY15A' 
_pdbx_database_related.db_id          EMD-41286 
_pdbx_database_related.content_type   'associated EM volume' 
# 
_pdbx_contact_author.id                 2 
_pdbx_contact_author.email              fw2@uab.edu 
_pdbx_contact_author.name_first         Fengbin 
_pdbx_contact_author.name_last          Wang 
_pdbx_contact_author.name_mi            ? 
_pdbx_contact_author.role               'principal investigator/group leader' 
_pdbx_contact_author.identifier_ORCID   0000-0003-1008-663X 
# 
loop_
_audit_author.name 
_audit_author.pdbx_ordinal 
_audit_author.identifier_ORCID 
'Eastep, G.N.'   1 0000-0003-3567-8500 
'Liu, J.'        2 ?                   
'Rich-New, S.T.' 3 0000-0002-2380-0778 
'Egelman, E.H.'  4 ?                   
'Krupovic, M.'   5 ?                   
'Wang, F.'       6 0000-0003-1008-663X 
# 
_citation.abstract                  ? 
_citation.abstract_id_CAS           ? 
_citation.book_id_ISBN              ? 
_citation.book_publisher            ? 
_citation.book_publisher_city       ? 
_citation.book_title                ? 
_citation.coordinate_linkage        ? 
_citation.country                   UK 
_citation.database_id_Medline       ? 
_citation.details                   ? 
_citation.id                        primary 
_citation.journal_abbrev            'Nat Commun' 
_citation.journal_id_ASTM           ? 
_citation.journal_id_CSD            ? 
_citation.journal_id_ISSN           2041-1723 
_citation.journal_full              ? 
_citation.journal_issue             ? 
_citation.journal_volume            15 
_citation.language                  ? 
_citation.page_first                5049 
_citation.page_last                 5049 
_citation.title                     'Two distinct archaeal type IV pili structures formed by proteins with identical sequence.' 
_citation.year                      2024 
_citation.database_id_CSD           ? 
_citation.pdbx_database_id_DOI      10.1038/s41467-024-45062-z 
_citation.pdbx_database_id_PubMed   38877064 
_citation.pdbx_database_id_patent   ? 
_citation.unpublished_flag          ? 
# 
loop_
_citation_author.citation_id 
_citation_author.name 
_citation_author.ordinal 
_citation_author.identifier_ORCID 
primary 'Liu, J.'                1 ?                   
primary 'Eastep, G.N.'           2 ?                   
primary 'Cvirkaite-Krupovic, V.' 3 ?                   
primary 'Rich-New, S.T.'         4 0000-0002-2380-0778 
primary 'Kreutzberger, M.A.B.'   5 ?                   
primary 'Egelman, E.H.'          6 0000-0003-4844-5212 
primary 'Krupovic, M.'           7 0000-0001-5486-0098 
primary 'Wang, F.'               8 0000-0003-1008-663X 
# 
_entity.id                         1 
_entity.type                       polymer 
_entity.src_method                 nat 
_entity.pdbx_description           'DUF973 family protein' 
_entity.formula_weight             14053.037 
_entity.pdbx_number_of_molecules   1 
_entity.pdbx_ec                    ? 
_entity.pdbx_mutation              ? 
_entity.pdbx_fragment              ? 
_entity.details                    ? 
# 
_entity_poly.entity_id                      1 
_entity_poly.type                           'polypeptide(L)' 
_entity_poly.nstd_linkage                   no 
_entity_poly.nstd_monomer                   no 
_entity_poly.pdbx_seq_one_letter_code       
;MNMISRRKNAKALSGAVTALILVIASVIIALVVVGFAFGLFGAFTGQGTVTQVGTATLSAGTGTLTVTLKNTGAATQVTG
AIINGNAASVSGQVTISAGQNTYSISLGGISSSTLQNLVGSTISLTLQLSNGQTVTVSAIITS
;
_entity_poly.pdbx_seq_one_letter_code_can   
;MNMISRRKNAKALSGAVTALILVIASVIIALVVVGFAFGLFGAFTGQGTVTQVGTATLSAGTGTLTVTLKNTGAATQVTG
AIINGNAASVSGQVTISAGQNTYSISLGGISSSTLQNLVGSTISLTLQLSNGQTVTVSAIITS
;
_entity_poly.pdbx_strand_id                 A 
_entity_poly.pdbx_target_identifier         ? 
# 
loop_
_entity_poly_seq.entity_id 
_entity_poly_seq.num 
_entity_poly_seq.mon_id 
_entity_poly_seq.hetero 
1 1   MET n 
1 2   ASN n 
1 3   MET n 
1 4   ILE n 
1 5   SER n 
1 6   ARG n 
1 7   ARG n 
1 8   LYS n 
1 9   ASN n 
1 10  ALA n 
1 11  LYS n 
1 12  ALA n 
1 13  LEU n 
1 14  SER n 
1 15  GLY n 
1 16  ALA n 
1 17  VAL n 
1 18  THR n 
1 19  ALA n 
1 20  LEU n 
1 21  ILE n 
1 22  LEU n 
1 23  VAL n 
1 24  ILE n 
1 25  ALA n 
1 26  SER n 
1 27  VAL n 
1 28  ILE n 
1 29  ILE n 
1 30  ALA n 
1 31  LEU n 
1 32  VAL n 
1 33  VAL n 
1 34  VAL n 
1 35  GLY n 
1 36  PHE n 
1 37  ALA n 
1 38  PHE n 
1 39  GLY n 
1 40  LEU n 
1 41  PHE n 
1 42  GLY n 
1 43  ALA n 
1 44  PHE n 
1 45  THR n 
1 46  GLY n 
1 47  GLN n 
1 48  GLY n 
1 49  THR n 
1 50  VAL n 
1 51  THR n 
1 52  GLN n 
1 53  VAL n 
1 54  GLY n 
1 55  THR n 
1 56  ALA n 
1 57  THR n 
1 58  LEU n 
1 59  SER n 
1 60  ALA n 
1 61  GLY n 
1 62  THR n 
1 63  GLY n 
1 64  THR n 
1 65  LEU n 
1 66  THR n 
1 67  VAL n 
1 68  THR n 
1 69  LEU n 
1 70  LYS n 
1 71  ASN n 
1 72  THR n 
1 73  GLY n 
1 74  ALA n 
1 75  ALA n 
1 76  THR n 
1 77  GLN n 
1 78  VAL n 
1 79  THR n 
1 80  GLY n 
1 81  ALA n 
1 82  ILE n 
1 83  ILE n 
1 84  ASN n 
1 85  GLY n 
1 86  ASN n 
1 87  ALA n 
1 88  ALA n 
1 89  SER n 
1 90  VAL n 
1 91  SER n 
1 92  GLY n 
1 93  GLN n 
1 94  VAL n 
1 95  THR n 
1 96  ILE n 
1 97  SER n 
1 98  ALA n 
1 99  GLY n 
1 100 GLN n 
1 101 ASN n 
1 102 THR n 
1 103 TYR n 
1 104 SER n 
1 105 ILE n 
1 106 SER n 
1 107 LEU n 
1 108 GLY n 
1 109 GLY n 
1 110 ILE n 
1 111 SER n 
1 112 SER n 
1 113 SER n 
1 114 THR n 
1 115 LEU n 
1 116 GLN n 
1 117 ASN n 
1 118 LEU n 
1 119 VAL n 
1 120 GLY n 
1 121 SER n 
1 122 THR n 
1 123 ILE n 
1 124 SER n 
1 125 LEU n 
1 126 THR n 
1 127 LEU n 
1 128 GLN n 
1 129 LEU n 
1 130 SER n 
1 131 ASN n 
1 132 GLY n 
1 133 GLN n 
1 134 THR n 
1 135 VAL n 
1 136 THR n 
1 137 VAL n 
1 138 SER n 
1 139 ALA n 
1 140 ILE n 
1 141 ILE n 
1 142 THR n 
1 143 SER n 
# 
_entity_src_nat.entity_id                  1 
_entity_src_nat.pdbx_src_id                1 
_entity_src_nat.pdbx_alt_source_flag       sample 
_entity_src_nat.pdbx_beg_seq_num           1 
_entity_src_nat.pdbx_end_seq_num           143 
_entity_src_nat.common_name                ? 
_entity_src_nat.pdbx_organism_scientific   'Sulfolobus islandicus REY15A' 
_entity_src_nat.pdbx_ncbi_taxonomy_id      930945 
_entity_src_nat.genus                      ? 
_entity_src_nat.species                    ? 
_entity_src_nat.strain                     ? 
_entity_src_nat.tissue                     ? 
_entity_src_nat.tissue_fraction            ? 
_entity_src_nat.pdbx_secretion             ? 
_entity_src_nat.pdbx_fragment              ? 
_entity_src_nat.pdbx_variant               ? 
_entity_src_nat.pdbx_cell_line             ? 
_entity_src_nat.pdbx_atcc                  ? 
_entity_src_nat.pdbx_cellular_location     ? 
_entity_src_nat.pdbx_organ                 ? 
_entity_src_nat.pdbx_organelle             ? 
_entity_src_nat.pdbx_cell                  ? 
_entity_src_nat.pdbx_plasmid_name          ? 
_entity_src_nat.pdbx_plasmid_details       ? 
_entity_src_nat.details                    ? 
# 
loop_
_chem_comp.id 
_chem_comp.type 
_chem_comp.mon_nstd_flag 
_chem_comp.name 
_chem_comp.pdbx_synonyms 
_chem_comp.formula 
_chem_comp.formula_weight 
ALA 'L-peptide linking' y ALANINE       ? 'C3 H7 N O2'     89.093  
ARG 'L-peptide linking' y ARGININE      ? 'C6 H15 N4 O2 1' 175.209 
ASN 'L-peptide linking' y ASPARAGINE    ? 'C4 H8 N2 O3'    132.118 
GLN 'L-peptide linking' y GLUTAMINE     ? 'C5 H10 N2 O3'   146.144 
GLY 'peptide linking'   y GLYCINE       ? 'C2 H5 N O2'     75.067  
ILE 'L-peptide linking' y ISOLEUCINE    ? 'C6 H13 N O2'    131.173 
LEU 'L-peptide linking' y LEUCINE       ? 'C6 H13 N O2'    131.173 
LYS 'L-peptide linking' y LYSINE        ? 'C6 H15 N2 O2 1' 147.195 
MET 'L-peptide linking' y METHIONINE    ? 'C5 H11 N O2 S'  149.211 
PHE 'L-peptide linking' y PHENYLALANINE ? 'C9 H11 N O2'    165.189 
SER 'L-peptide linking' y SERINE        ? 'C3 H7 N O3'     105.093 
THR 'L-peptide linking' y THREONINE     ? 'C4 H9 N O3'     119.119 
TYR 'L-peptide linking' y TYROSINE      ? 'C9 H11 N O3'    181.189 
VAL 'L-peptide linking' y VALINE        ? 'C5 H11 N O2'    117.146 
# 
loop_
_pdbx_poly_seq_scheme.asym_id 
_pdbx_poly_seq_scheme.entity_id 
_pdbx_poly_seq_scheme.seq_id 
_pdbx_poly_seq_scheme.mon_id 
_pdbx_poly_seq_scheme.ndb_seq_num 
_pdbx_poly_seq_scheme.pdb_seq_num 
_pdbx_poly_seq_scheme.auth_seq_num 
_pdbx_poly_seq_scheme.pdb_mon_id 
_pdbx_poly_seq_scheme.auth_mon_id 
_pdbx_poly_seq_scheme.pdb_strand_id 
_pdbx_poly_seq_scheme.pdb_ins_code 
_pdbx_poly_seq_scheme.hetero 
A 1 1   MET 1   1   ?   ?   ?   A . n 
A 1 2   ASN 2   2   ?   ?   ?   A . n 
A 1 3   MET 3   3   ?   ?   ?   A . n 
A 1 4   ILE 4   4   ?   ?   ?   A . n 
A 1 5   SER 5   5   ?   ?   ?   A . n 
A 1 6   ARG 6   6   ?   ?   ?   A . n 
A 1 7   ARG 7   7   ?   ?   ?   A . n 
A 1 8   LYS 8   8   ?   ?   ?   A . n 
A 1 9   ASN 9   9   ?   ?   ?   A . n 
A 1 10  ALA 10  10  ?   ?   ?   A . n 
A 1 11  LYS 11  11  ?   ?   ?   A . n 
A 1 12  ALA 12  12  ?   ?   ?   A . n 
A 1 13  LEU 13  13  13  LEU LEU A . n 
A 1 14  SER 14  14  14  SER SER A . n 
A 1 15  GLY 15  15  15  GLY GLY A . n 
A 1 16  ALA 16  16  16  ALA ALA A . n 
A 1 17  VAL 17  17  17  VAL VAL A . n 
A 1 18  THR 18  18  18  THR THR A . n 
A 1 19  ALA 19  19  19  ALA ALA A . n 
A 1 20  LEU 20  20  20  LEU LEU A . n 
A 1 21  ILE 21  21  21  ILE ILE A . n 
A 1 22  LEU 22  22  22  LEU LEU A . n 
A 1 23  VAL 23  23  23  VAL VAL A . n 
A 1 24  ILE 24  24  24  ILE ILE A . n 
A 1 25  ALA 25  25  25  ALA ALA A . n 
A 1 26  SER 26  26  26  SER SER A . n 
A 1 27  VAL 27  27  27  VAL VAL A . n 
A 1 28  ILE 28  28  28  ILE ILE A . n 
A 1 29  ILE 29  29  29  ILE ILE A . n 
A 1 30  ALA 30  30  30  ALA ALA A . n 
A 1 31  LEU 31  31  31  LEU LEU A . n 
A 1 32  VAL 32  32  32  VAL VAL A . n 
A 1 33  VAL 33  33  33  VAL VAL A . n 
A 1 34  VAL 34  34  34  VAL VAL A . n 
A 1 35  GLY 35  35  35  GLY GLY A . n 
A 1 36  PHE 36  36  36  PHE PHE A . n 
A 1 37  ALA 37  37  37  ALA ALA A . n 
A 1 38  PHE 38  38  38  PHE PHE A . n 
A 1 39  GLY 39  39  39  GLY GLY A . n 
A 1 40  LEU 40  40  40  LEU LEU A . n 
A 1 41  PHE 41  41  41  PHE PHE A . n 
A 1 42  GLY 42  42  42  GLY GLY A . n 
A 1 43  ALA 43  43  43  ALA ALA A . n 
A 1 44  PHE 44  44  44  PHE PHE A . n 
A 1 45  THR 45  45  45  THR THR A . n 
A 1 46  GLY 46  46  46  GLY GLY A . n 
A 1 47  GLN 47  47  47  GLN GLN A . n 
A 1 48  GLY 48  48  48  GLY GLY A . n 
A 1 49  THR 49  49  49  THR THR A . n 
A 1 50  VAL 50  50  50  VAL VAL A . n 
A 1 51  THR 51  51  51  THR THR A . n 
A 1 52  GLN 52  52  52  GLN GLN A . n 
A 1 53  VAL 53  53  53  VAL VAL A . n 
A 1 54  GLY 54  54  54  GLY GLY A . n 
A 1 55  THR 55  55  55  THR THR A . n 
A 1 56  ALA 56  56  56  ALA ALA A . n 
A 1 57  THR 57  57  57  THR THR A . n 
A 1 58  LEU 58  58  58  LEU LEU A . n 
A 1 59  SER 59  59  59  SER SER A . n 
A 1 60  ALA 60  60  60  ALA ALA A . n 
A 1 61  GLY 61  61  61  GLY GLY A . n 
A 1 62  THR 62  62  62  THR THR A . n 
A 1 63  GLY 63  63  63  GLY GLY A . n 
A 1 64  THR 64  64  64  THR THR A . n 
A 1 65  LEU 65  65  65  LEU LEU A . n 
A 1 66  THR 66  66  66  THR THR A . n 
A 1 67  VAL 67  67  67  VAL VAL A . n 
A 1 68  THR 68  68  68  THR THR A . n 
A 1 69  LEU 69  69  69  LEU LEU A . n 
A 1 70  LYS 70  70  70  LYS LYS A . n 
A 1 71  ASN 71  71  71  ASN ASN A . n 
A 1 72  THR 72  72  72  THR THR A . n 
A 1 73  GLY 73  73  73  GLY GLY A . n 
A 1 74  ALA 74  74  74  ALA ALA A . n 
A 1 75  ALA 75  75  75  ALA ALA A . n 
A 1 76  THR 76  76  76  THR THR A . n 
A 1 77  GLN 77  77  77  GLN GLN A . n 
A 1 78  VAL 78  78  78  VAL VAL A . n 
A 1 79  THR 79  79  79  THR THR A . n 
A 1 80  GLY 80  80  80  GLY GLY A . n 
A 1 81  ALA 81  81  81  ALA ALA A . n 
A 1 82  ILE 82  82  82  ILE ILE A . n 
A 1 83  ILE 83  83  83  ILE ILE A . n 
A 1 84  ASN 84  84  84  ASN ASN A . n 
A 1 85  GLY 85  85  85  GLY GLY A . n 
A 1 86  ASN 86  86  86  ASN ASN A . n 
A 1 87  ALA 87  87  87  ALA ALA A . n 
A 1 88  ALA 88  88  88  ALA ALA A . n 
A 1 89  SER 89  89  89  SER SER A . n 
A 1 90  VAL 90  90  90  VAL VAL A . n 
A 1 91  SER 91  91  91  SER SER A . n 
A 1 92  GLY 92  92  92  GLY GLY A . n 
A 1 93  GLN 93  93  93  GLN GLN A . n 
A 1 94  VAL 94  94  94  VAL VAL A . n 
A 1 95  THR 95  95  95  THR THR A . n 
A 1 96  ILE 96  96  96  ILE ILE A . n 
A 1 97  SER 97  97  97  SER SER A . n 
A 1 98  ALA 98  98  98  ALA ALA A . n 
A 1 99  GLY 99  99  99  GLY GLY A . n 
A 1 100 GLN 100 100 100 GLN GLN A . n 
A 1 101 ASN 101 101 101 ASN ASN A . n 
A 1 102 THR 102 102 102 THR THR A . n 
A 1 103 TYR 103 103 103 TYR TYR A . n 
A 1 104 SER 104 104 104 SER SER A . n 
A 1 105 ILE 105 105 105 ILE ILE A . n 
A 1 106 SER 106 106 106 SER SER A . n 
A 1 107 LEU 107 107 107 LEU LEU A . n 
A 1 108 GLY 108 108 108 GLY GLY A . n 
A 1 109 GLY 109 109 109 GLY GLY A . n 
A 1 110 ILE 110 110 110 ILE ILE A . n 
A 1 111 SER 111 111 111 SER SER A . n 
A 1 112 SER 112 112 112 SER SER A . n 
A 1 113 SER 113 113 113 SER SER A . n 
A 1 114 THR 114 114 114 THR THR A . n 
A 1 115 LEU 115 115 115 LEU LEU A . n 
A 1 116 GLN 116 116 116 GLN GLN A . n 
A 1 117 ASN 117 117 117 ASN ASN A . n 
A 1 118 LEU 118 118 118 LEU LEU A . n 
A 1 119 VAL 119 119 119 VAL VAL A . n 
A 1 120 GLY 120 120 120 GLY GLY A . n 
A 1 121 SER 121 121 121 SER SER A . n 
A 1 122 THR 122 122 122 THR THR A . n 
A 1 123 ILE 123 123 123 ILE ILE A . n 
A 1 124 SER 124 124 124 SER SER A . n 
A 1 125 LEU 125 125 125 LEU LEU A . n 
A 1 126 THR 126 126 126 THR THR A . n 
A 1 127 LEU 127 127 127 LEU LEU A . n 
A 1 128 GLN 128 128 128 GLN GLN A . n 
A 1 129 LEU 129 129 129 LEU LEU A . n 
A 1 130 SER 130 130 130 SER SER A . n 
A 1 131 ASN 131 131 131 ASN ASN A . n 
A 1 132 GLY 132 132 132 GLY GLY A . n 
A 1 133 GLN 133 133 133 GLN GLN A . n 
A 1 134 THR 134 134 134 THR THR A . n 
A 1 135 VAL 135 135 135 VAL VAL A . n 
A 1 136 THR 136 136 136 THR THR A . n 
A 1 137 VAL 137 137 137 VAL VAL A . n 
A 1 138 SER 138 138 138 SER SER A . n 
A 1 139 ALA 139 139 139 ALA ALA A . n 
A 1 140 ILE 140 140 140 ILE ILE A . n 
A 1 141 ILE 141 141 141 ILE ILE A . n 
A 1 142 THR 142 142 142 THR THR A . n 
A 1 143 SER 143 143 143 SER SER A . n 
# 
_exptl.absorpt_coefficient_mu     ? 
_exptl.absorpt_correction_T_max   ? 
_exptl.absorpt_correction_T_min   ? 
_exptl.absorpt_correction_type    ? 
_exptl.absorpt_process_details    ? 
_exptl.entry_id                   8TIF 
_exptl.crystals_number            ? 
_exptl.details                    ? 
_exptl.method                     'ELECTRON MICROSCOPY' 
_exptl.method_details             ? 
# 
_refine.pdbx_refine_id                           'ELECTRON MICROSCOPY' 
_refine.entry_id                                 8TIF 
_refine.pdbx_diffrn_id                           ? 
_refine.pdbx_TLS_residual_ADP_flag               ? 
_refine.ls_number_reflns_obs                     ? 
_refine.ls_number_reflns_all                     ? 
_refine.pdbx_ls_sigma_I                          ? 
_refine.pdbx_ls_sigma_F                          ? 
_refine.pdbx_data_cutoff_high_absF               ? 
_refine.pdbx_data_cutoff_low_absF                ? 
_refine.pdbx_data_cutoff_high_rms_absF           ? 
_refine.ls_d_res_low                             ? 
_refine.ls_d_res_high                            . 
_refine.ls_percent_reflns_obs                    ? 
_refine.ls_R_factor_obs                          ? 
_refine.ls_R_factor_all                          ? 
_refine.ls_R_factor_R_work                       ? 
_refine.ls_R_factor_R_free                       ? 
_refine.ls_R_factor_R_free_error                 ? 
_refine.ls_R_factor_R_free_error_details         ? 
_refine.ls_percent_reflns_R_free                 ? 
_refine.ls_number_reflns_R_free                  ? 
_refine.ls_number_parameters                     ? 
_refine.ls_number_restraints                     ? 
_refine.occupancy_min                            ? 
_refine.occupancy_max                            ? 
_refine.correlation_coeff_Fo_to_Fc               ? 
_refine.correlation_coeff_Fo_to_Fc_free          ? 
_refine.B_iso_mean                               ? 
_refine.aniso_B[1][1]                            ? 
_refine.aniso_B[2][2]                            ? 
_refine.aniso_B[3][3]                            ? 
_refine.aniso_B[1][2]                            ? 
_refine.aniso_B[1][3]                            ? 
_refine.aniso_B[2][3]                            ? 
_refine.solvent_model_details                    ? 
_refine.solvent_model_param_ksol                 ? 
_refine.solvent_model_param_bsol                 ? 
_refine.pdbx_solvent_vdw_probe_radii             ? 
_refine.pdbx_solvent_ion_probe_radii             ? 
_refine.pdbx_solvent_shrinkage_radii             ? 
_refine.pdbx_ls_cross_valid_method               ? 
_refine.details                                  ? 
_refine.pdbx_starting_model                      ? 
_refine.pdbx_method_to_determine_struct          ? 
_refine.pdbx_isotropic_thermal_model             ? 
_refine.pdbx_stereochemistry_target_values       ? 
_refine.pdbx_stereochem_target_val_spec_case     ? 
_refine.pdbx_R_Free_selection_details            ? 
_refine.pdbx_overall_ESU_R                       ? 
_refine.pdbx_overall_ESU_R_Free                  ? 
_refine.overall_SU_ML                            ? 
_refine.pdbx_overall_phase_error                 ? 
_refine.overall_SU_B                             ? 
_refine.overall_SU_R_Cruickshank_DPI             ? 
_refine.pdbx_overall_SU_R_free_Cruickshank_DPI   ? 
_refine.pdbx_overall_SU_R_Blow_DPI               ? 
_refine.pdbx_overall_SU_R_free_Blow_DPI          ? 
# 
loop_
_refine_ls_restr.pdbx_refine_id 
_refine_ls_restr.criterion 
_refine_ls_restr.dev_ideal 
_refine_ls_restr.dev_ideal_target 
_refine_ls_restr.number 
_refine_ls_restr.rejects 
_refine_ls_restr.type 
_refine_ls_restr.weight 
_refine_ls_restr.pdbx_restraint_function 
'ELECTRON MICROSCOPY' ? 0.004 ? 26790 ? f_bond_d           ? ? 
'ELECTRON MICROSCOPY' ? 0.573 ? 36690 ? f_angle_d          ? ? 
'ELECTRON MICROSCOPY' ? 3.483 ? 3960  ? f_dihedral_angle_d ? ? 
'ELECTRON MICROSCOPY' ? 0.043 ? 5250  ? f_chiral_restr     ? ? 
'ELECTRON MICROSCOPY' ? 0.002 ? 4500  ? f_plane_restr      ? ? 
# 
_struct.entry_id                     8TIF 
_struct.title                        'Cryo-EM of mono-pilus from S. islandicus REY15A' 
_struct.pdbx_model_details           ? 
_struct.pdbx_formula_weight          ? 
_struct.pdbx_formula_weight_method   ? 
_struct.pdbx_model_type_details      ? 
_struct.pdbx_CASP_flag               N 
# 
_struct_keywords.entry_id        8TIF 
_struct_keywords.text            'helical symmetry, type iv pili, archaeal pilus, filament, quasi-equivalence, PROTEIN FIBRIL' 
_struct_keywords.pdbx_keywords   'PROTEIN FIBRIL' 
# 
_struct_asym.id                            A 
_struct_asym.pdbx_blank_PDB_chainid_flag   N 
_struct_asym.pdbx_modified                 N 
_struct_asym.entity_id                     1 
_struct_asym.details                       ? 
# 
_struct_ref.id                         1 
_struct_ref.db_name                    UNP 
_struct_ref.db_code                    F0NG07_SULIR 
_struct_ref.pdbx_db_accession          F0NG07 
_struct_ref.pdbx_db_isoform            ? 
_struct_ref.entity_id                  1 
_struct_ref.pdbx_seq_one_letter_code   
;MNMISRRKNAKALSGAVTALILVIASVIIALVVVGFAFGLFGAFTGQGTVTQVGTATLSAGTGTLTVTLKNTGAATQVTG
AIINGNAASVSGQVTISAGQNTYSISLGGISSSTLQNLVGSTISLTLQLSNGQTVTVSAIITS
;
_struct_ref.pdbx_align_begin           1 
# 
_struct_ref_seq.align_id                      1 
_struct_ref_seq.ref_id                        1 
_struct_ref_seq.pdbx_PDB_id_code              8TIF 
_struct_ref_seq.pdbx_strand_id                A 
_struct_ref_seq.seq_align_beg                 1 
_struct_ref_seq.pdbx_seq_align_beg_ins_code   ? 
_struct_ref_seq.seq_align_end                 143 
_struct_ref_seq.pdbx_seq_align_end_ins_code   ? 
_struct_ref_seq.pdbx_db_accession             F0NG07 
_struct_ref_seq.db_align_beg                  1 
_struct_ref_seq.pdbx_db_align_beg_ins_code    ? 
_struct_ref_seq.db_align_end                  143 
_struct_ref_seq.pdbx_db_align_end_ins_code    ? 
_struct_ref_seq.pdbx_auth_seq_align_beg       1 
_struct_ref_seq.pdbx_auth_seq_align_end       143 
# 
_pdbx_struct_assembly.id                   1 
_pdbx_struct_assembly.details              author_defined_assembly 
_pdbx_struct_assembly.method_details       ? 
_pdbx_struct_assembly.oligomeric_details   monomeric 
_pdbx_struct_assembly.oligomeric_count     1 
# 
_pdbx_struct_assembly_gen.assembly_id       1 
_pdbx_struct_assembly_gen.oper_expression   1 
_pdbx_struct_assembly_gen.asym_id_list      A 
# 
_pdbx_struct_assembly_auth_evidence.id                     1 
_pdbx_struct_assembly_auth_evidence.assembly_id            1 
_pdbx_struct_assembly_auth_evidence.experimental_support   'electron microscopy' 
_pdbx_struct_assembly_auth_evidence.details                'not applicable' 
# 
_pdbx_struct_oper_list.id                   1 
_pdbx_struct_oper_list.type                 'identity operation' 
_pdbx_struct_oper_list.name                 1_555 
_pdbx_struct_oper_list.symmetry_operation   ? 
_pdbx_struct_oper_list.matrix[1][1]         1.0000000000 
_pdbx_struct_oper_list.matrix[1][2]         0.0000000000 
_pdbx_struct_oper_list.matrix[1][3]         0.0000000000 
_pdbx_struct_oper_list.vector[1]            0.0000000000 
_pdbx_struct_oper_list.matrix[2][1]         0.0000000000 
_pdbx_struct_oper_list.matrix[2][2]         1.0000000000 
_pdbx_struct_oper_list.matrix[2][3]         0.0000000000 
_pdbx_struct_oper_list.vector[2]            0.0000000000 
_pdbx_struct_oper_list.matrix[3][1]         0.0000000000 
_pdbx_struct_oper_list.matrix[3][2]         0.0000000000 
_pdbx_struct_oper_list.matrix[3][3]         1.0000000000 
_pdbx_struct_oper_list.vector[3]            0.0000000000 
# 
loop_
_struct_conf.conf_type_id 
_struct_conf.id 
_struct_conf.pdbx_PDB_helix_id 
_struct_conf.beg_label_comp_id 
_struct_conf.beg_label_asym_id 
_struct_conf.beg_label_seq_id 
_struct_conf.pdbx_beg_PDB_ins_code 
_struct_conf.end_label_comp_id 
_struct_conf.end_label_asym_id 
_struct_conf.end_label_seq_id 
_struct_conf.pdbx_end_PDB_ins_code 
_struct_conf.beg_auth_comp_id 
_struct_conf.beg_auth_asym_id 
_struct_conf.beg_auth_seq_id 
_struct_conf.end_auth_comp_id 
_struct_conf.end_auth_asym_id 
_struct_conf.end_auth_seq_id 
_struct_conf.pdbx_PDB_helix_class 
_struct_conf.details 
_struct_conf.pdbx_PDB_helix_length 
HELX_P HELX_P1 AA1 LEU A 13  ? GLY A 46  ? LEU A 13  GLY A 46  1 ? 34 
HELX_P HELX_P2 AA2 LEU A 115 ? VAL A 119 ? LEU A 115 VAL A 119 5 ? 5  
# 
_struct_conf_type.id          HELX_P 
_struct_conf_type.criteria    ? 
_struct_conf_type.reference   ? 
# 
loop_
_struct_sheet.id 
_struct_sheet.type 
_struct_sheet.number_strands 
_struct_sheet.details 
AA1 ? 2 ? 
AA2 ? 5 ? 
AA3 ? 2 ? 
# 
loop_
_struct_sheet_order.sheet_id 
_struct_sheet_order.range_id_1 
_struct_sheet_order.range_id_2 
_struct_sheet_order.offset 
_struct_sheet_order.sense 
AA1 1 2 ? anti-parallel 
AA2 1 2 ? parallel      
AA2 2 3 ? anti-parallel 
AA2 3 4 ? anti-parallel 
AA2 4 5 ? anti-parallel 
AA3 1 2 ? anti-parallel 
# 
loop_
_struct_sheet_range.sheet_id 
_struct_sheet_range.id 
_struct_sheet_range.beg_label_comp_id 
_struct_sheet_range.beg_label_asym_id 
_struct_sheet_range.beg_label_seq_id 
_struct_sheet_range.pdbx_beg_PDB_ins_code 
_struct_sheet_range.end_label_comp_id 
_struct_sheet_range.end_label_asym_id 
_struct_sheet_range.end_label_seq_id 
_struct_sheet_range.pdbx_end_PDB_ins_code 
_struct_sheet_range.beg_auth_comp_id 
_struct_sheet_range.beg_auth_asym_id 
_struct_sheet_range.beg_auth_seq_id 
_struct_sheet_range.end_auth_comp_id 
_struct_sheet_range.end_auth_asym_id 
_struct_sheet_range.end_auth_seq_id 
AA1 1 VAL A 50  ? GLN A 52  ? VAL A 50  GLN A 52  
AA1 2 LEU A 69  ? ASN A 71  ? LEU A 69  ASN A 71  
AA2 1 ALA A 56  ? SER A 59  ? ALA A 56  SER A 59  
AA2 2 THR A 134 ? THR A 142 ? THR A 134 THR A 142 
AA2 3 THR A 122 ? LEU A 129 ? THR A 122 LEU A 129 
AA2 4 VAL A 78  ? ILE A 82  ? VAL A 78  ILE A 82  
AA2 5 ALA A 87  ? ALA A 88  ? ALA A 87  ALA A 88  
AA3 1 SER A 91  ? GLY A 92  ? SER A 91  GLY A 92  
AA3 2 ILE A 105 ? SER A 106 ? ILE A 105 SER A 106 
# 
loop_
_pdbx_struct_sheet_hbond.sheet_id 
_pdbx_struct_sheet_hbond.range_id_1 
_pdbx_struct_sheet_hbond.range_id_2 
_pdbx_struct_sheet_hbond.range_1_label_atom_id 
_pdbx_struct_sheet_hbond.range_1_label_comp_id 
_pdbx_struct_sheet_hbond.range_1_label_asym_id 
_pdbx_struct_sheet_hbond.range_1_label_seq_id 
_pdbx_struct_sheet_hbond.range_1_PDB_ins_code 
_pdbx_struct_sheet_hbond.range_1_auth_atom_id 
_pdbx_struct_sheet_hbond.range_1_auth_comp_id 
_pdbx_struct_sheet_hbond.range_1_auth_asym_id 
_pdbx_struct_sheet_hbond.range_1_auth_seq_id 
_pdbx_struct_sheet_hbond.range_2_label_atom_id 
_pdbx_struct_sheet_hbond.range_2_label_comp_id 
_pdbx_struct_sheet_hbond.range_2_label_asym_id 
_pdbx_struct_sheet_hbond.range_2_label_seq_id 
_pdbx_struct_sheet_hbond.range_2_PDB_ins_code 
_pdbx_struct_sheet_hbond.range_2_auth_atom_id 
_pdbx_struct_sheet_hbond.range_2_auth_comp_id 
_pdbx_struct_sheet_hbond.range_2_auth_asym_id 
_pdbx_struct_sheet_hbond.range_2_auth_seq_id 
AA1 1 2 N THR A 51  ? N THR A 51  O LYS A 70  ? O LYS A 70  
AA2 1 2 N LEU A 58  ? N LEU A 58  O ILE A 140 ? O ILE A 140 
AA2 2 3 O VAL A 137 ? O VAL A 137 N LEU A 125 ? N LEU A 125 
AA2 3 4 O GLN A 128 ? O GLN A 128 N THR A 79  ? N THR A 79  
AA2 4 5 N ALA A 81  ? N ALA A 81  O ALA A 88  ? O ALA A 88  
AA3 1 2 N SER A 91  ? N SER A 91  O SER A 106 ? O SER A 106 
# 
_pdbx_entry_details.entry_id                   8TIF 
_pdbx_entry_details.compound_details           ? 
_pdbx_entry_details.source_details             ? 
_pdbx_entry_details.nonpolymer_details         ? 
_pdbx_entry_details.sequence_details           ? 
_pdbx_entry_details.has_ligand_of_interest     ? 
_pdbx_entry_details.has_protein_modification   N 
# 
_pdbx_validate_torsion.id              1 
_pdbx_validate_torsion.PDB_model_num   1 
_pdbx_validate_torsion.auth_comp_id    SER 
_pdbx_validate_torsion.auth_asym_id    A 
_pdbx_validate_torsion.auth_seq_id     113 
_pdbx_validate_torsion.PDB_ins_code    ? 
_pdbx_validate_torsion.label_alt_id    ? 
_pdbx_validate_torsion.phi             -131.40 
_pdbx_validate_torsion.psi             -39.02 
# 
_em_3d_fitting.id                1 
_em_3d_fitting.entry_id          8TIF 
_em_3d_fitting.method            ? 
_em_3d_fitting.target_criteria   ? 
_em_3d_fitting.details           ? 
_em_3d_fitting.overall_b_value   ? 
_em_3d_fitting.ref_space         ? 
_em_3d_fitting.ref_protocol      ? 
# 
_em_3d_reconstruction.entry_id                    8TIF 
_em_3d_reconstruction.id                          1 
_em_3d_reconstruction.method                      ? 
_em_3d_reconstruction.algorithm                   ? 
_em_3d_reconstruction.citation_id                 ? 
_em_3d_reconstruction.details                     ? 
_em_3d_reconstruction.resolution                  3.89 
_em_3d_reconstruction.resolution_method           'FSC 0.143 CUT-OFF' 
_em_3d_reconstruction.magnification_calibration   ? 
_em_3d_reconstruction.nominal_pixel_size          ? 
_em_3d_reconstruction.actual_pixel_size           ? 
_em_3d_reconstruction.num_particles               78068 
_em_3d_reconstruction.euler_angles_details        ? 
_em_3d_reconstruction.num_class_averages          ? 
_em_3d_reconstruction.refinement_type             ? 
_em_3d_reconstruction.image_processing_id         1 
_em_3d_reconstruction.symmetry_type               HELICAL 
# 
_em_buffer.id            1 
_em_buffer.specimen_id   1 
_em_buffer.name          ? 
_em_buffer.details       ? 
_em_buffer.pH            4 
# 
_em_entity_assembly.id                   1 
_em_entity_assembly.parent_id            0 
_em_entity_assembly.source               NATURAL 
_em_entity_assembly.type                 COMPLEX 
_em_entity_assembly.name                 mono-pilus 
_em_entity_assembly.details              ? 
_em_entity_assembly.synonym              ? 
_em_entity_assembly.oligomeric_details   ? 
_em_entity_assembly.entity_id_list       1 
# 
_em_imaging.entry_id                        8TIF 
_em_imaging.id                              1 
_em_imaging.astigmatism                     ? 
_em_imaging.electron_beam_tilt_params       ? 
_em_imaging.residual_tilt                   ? 
_em_imaging.microscope_model                'FEI TITAN KRIOS' 
_em_imaging.specimen_holder_type            ? 
_em_imaging.specimen_holder_model           ? 
_em_imaging.details                         ? 
_em_imaging.date                            ? 
_em_imaging.accelerating_voltage            300 
_em_imaging.illumination_mode               'FLOOD BEAM' 
_em_imaging.mode                            'BRIGHT FIELD' 
_em_imaging.nominal_cs                      ? 
_em_imaging.nominal_defocus_min             1000 
_em_imaging.nominal_defocus_max             2000 
_em_imaging.calibrated_defocus_min          ? 
_em_imaging.calibrated_defocus_max          ? 
_em_imaging.tilt_angle_min                  ? 
_em_imaging.tilt_angle_max                  ? 
_em_imaging.nominal_magnification           ? 
_em_imaging.calibrated_magnification        ? 
_em_imaging.electron_source                 'FIELD EMISSION GUN' 
_em_imaging.citation_id                     ? 
_em_imaging.temperature                     ? 
_em_imaging.detector_distance               ? 
_em_imaging.recording_temperature_minimum   ? 
_em_imaging.recording_temperature_maximum   ? 
_em_imaging.alignment_procedure             ? 
_em_imaging.c2_aperture_diameter            ? 
_em_imaging.specimen_id                     1 
_em_imaging.cryogen                         ? 
# 
_em_vitrification.entry_id              8TIF 
_em_vitrification.id                    1 
_em_vitrification.specimen_id           1 
_em_vitrification.cryogen_name          ETHANE 
_em_vitrification.humidity              ? 
_em_vitrification.temp                  ? 
_em_vitrification.chamber_temperature   ? 
_em_vitrification.instrument            ? 
_em_vitrification.method                ? 
_em_vitrification.time_resolved_state   ? 
_em_vitrification.citation_id           ? 
_em_vitrification.details               ? 
# 
_em_experiment.entry_id                8TIF 
_em_experiment.id                      1 
_em_experiment.reconstruction_method   HELICAL 
_em_experiment.aggregation_state       FILAMENT 
_em_experiment.entity_assembly_id      1 
# 
loop_
_pdbx_unobs_or_zero_occ_residues.id 
_pdbx_unobs_or_zero_occ_residues.PDB_model_num 
_pdbx_unobs_or_zero_occ_residues.polymer_flag 
_pdbx_unobs_or_zero_occ_residues.occupancy_flag 
_pdbx_unobs_or_zero_occ_residues.auth_asym_id 
_pdbx_unobs_or_zero_occ_residues.auth_comp_id 
_pdbx_unobs_or_zero_occ_residues.auth_seq_id 
_pdbx_unobs_or_zero_occ_residues.PDB_ins_code 
_pdbx_unobs_or_zero_occ_residues.label_asym_id 
_pdbx_unobs_or_zero_occ_residues.label_comp_id 
_pdbx_unobs_or_zero_occ_residues.label_seq_id 
1  1 Y 1 A MET 1  ? A MET 1  
2  1 Y 1 A ASN 2  ? A ASN 2  
3  1 Y 1 A MET 3  ? A MET 3  
4  1 Y 1 A ILE 4  ? A ILE 4  
5  1 Y 1 A SER 5  ? A SER 5  
6  1 Y 1 A ARG 6  ? A ARG 6  
7  1 Y 1 A ARG 7  ? A ARG 7  
8  1 Y 1 A LYS 8  ? A LYS 8  
9  1 Y 1 A ASN 9  ? A ASN 9  
10 1 Y 1 A ALA 10 ? A ALA 10 
11 1 Y 1 A LYS 11 ? A LYS 11 
12 1 Y 1 A ALA 12 ? A ALA 12 
# 
loop_
_chem_comp_atom.comp_id 
_chem_comp_atom.atom_id 
_chem_comp_atom.type_symbol 
_chem_comp_atom.pdbx_aromatic_flag 
_chem_comp_atom.pdbx_stereo_config 
_chem_comp_atom.pdbx_ordinal 
ALA N    N N N 1   
ALA CA   C N S 2   
ALA C    C N N 3   
ALA O    O N N 4   
ALA CB   C N N 5   
ALA OXT  O N N 6   
ALA H    H N N 7   
ALA H2   H N N 8   
ALA HA   H N N 9   
ALA HB1  H N N 10  
ALA HB2  H N N 11  
ALA HB3  H N N 12  
ALA HXT  H N N 13  
ARG N    N N N 14  
ARG CA   C N S 15  
ARG C    C N N 16  
ARG O    O N N 17  
ARG CB   C N N 18  
ARG CG   C N N 19  
ARG CD   C N N 20  
ARG NE   N N N 21  
ARG CZ   C N N 22  
ARG NH1  N N N 23  
ARG NH2  N N N 24  
ARG OXT  O N N 25  
ARG H    H N N 26  
ARG H2   H N N 27  
ARG HA   H N N 28  
ARG HB2  H N N 29  
ARG HB3  H N N 30  
ARG HG2  H N N 31  
ARG HG3  H N N 32  
ARG HD2  H N N 33  
ARG HD3  H N N 34  
ARG HE   H N N 35  
ARG HH11 H N N 36  
ARG HH12 H N N 37  
ARG HH21 H N N 38  
ARG HH22 H N N 39  
ARG HXT  H N N 40  
ASN N    N N N 41  
ASN CA   C N S 42  
ASN C    C N N 43  
ASN O    O N N 44  
ASN CB   C N N 45  
ASN CG   C N N 46  
ASN OD1  O N N 47  
ASN ND2  N N N 48  
ASN OXT  O N N 49  
ASN H    H N N 50  
ASN H2   H N N 51  
ASN HA   H N N 52  
ASN HB2  H N N 53  
ASN HB3  H N N 54  
ASN HD21 H N N 55  
ASN HD22 H N N 56  
ASN HXT  H N N 57  
GLN N    N N N 58  
GLN CA   C N S 59  
GLN C    C N N 60  
GLN O    O N N 61  
GLN CB   C N N 62  
GLN CG   C N N 63  
GLN CD   C N N 64  
GLN OE1  O N N 65  
GLN NE2  N N N 66  
GLN OXT  O N N 67  
GLN H    H N N 68  
GLN H2   H N N 69  
GLN HA   H N N 70  
GLN HB2  H N N 71  
GLN HB3  H N N 72  
GLN HG2  H N N 73  
GLN HG3  H N N 74  
GLN HE21 H N N 75  
GLN HE22 H N N 76  
GLN HXT  H N N 77  
GLY N    N N N 78  
GLY CA   C N N 79  
GLY C    C N N 80  
GLY O    O N N 81  
GLY OXT  O N N 82  
GLY H    H N N 83  
GLY H2   H N N 84  
GLY HA2  H N N 85  
GLY HA3  H N N 86  
GLY HXT  H N N 87  
ILE N    N N N 88  
ILE CA   C N S 89  
ILE C    C N N 90  
ILE O    O N N 91  
ILE CB   C N S 92  
ILE CG1  C N N 93  
ILE CG2  C N N 94  
ILE CD1  C N N 95  
ILE OXT  O N N 96  
ILE H    H N N 97  
ILE H2   H N N 98  
ILE HA   H N N 99  
ILE HB   H N N 100 
ILE HG12 H N N 101 
ILE HG13 H N N 102 
ILE HG21 H N N 103 
ILE HG22 H N N 104 
ILE HG23 H N N 105 
ILE HD11 H N N 106 
ILE HD12 H N N 107 
ILE HD13 H N N 108 
ILE HXT  H N N 109 
LEU N    N N N 110 
LEU CA   C N S 111 
LEU C    C N N 112 
LEU O    O N N 113 
LEU CB   C N N 114 
LEU CG   C N N 115 
LEU CD1  C N N 116 
LEU CD2  C N N 117 
LEU OXT  O N N 118 
LEU H    H N N 119 
LEU H2   H N N 120 
LEU HA   H N N 121 
LEU HB2  H N N 122 
LEU HB3  H N N 123 
LEU HG   H N N 124 
LEU HD11 H N N 125 
LEU HD12 H N N 126 
LEU HD13 H N N 127 
LEU HD21 H N N 128 
LEU HD22 H N N 129 
LEU HD23 H N N 130 
LEU HXT  H N N 131 
LYS N    N N N 132 
LYS CA   C N S 133 
LYS C    C N N 134 
LYS O    O N N 135 
LYS CB   C N N 136 
LYS CG   C N N 137 
LYS CD   C N N 138 
LYS CE   C N N 139 
LYS NZ   N N N 140 
LYS OXT  O N N 141 
LYS H    H N N 142 
LYS H2   H N N 143 
LYS HA   H N N 144 
LYS HB2  H N N 145 
LYS HB3  H N N 146 
LYS HG2  H N N 147 
LYS HG3  H N N 148 
LYS HD2  H N N 149 
LYS HD3  H N N 150 
LYS HE2  H N N 151 
LYS HE3  H N N 152 
LYS HZ1  H N N 153 
LYS HZ2  H N N 154 
LYS HZ3  H N N 155 
LYS HXT  H N N 156 
MET N    N N N 157 
MET CA   C N S 158 
MET C    C N N 159 
MET O    O N N 160 
MET CB   C N N 161 
MET CG   C N N 162 
MET SD   S N N 163 
MET CE   C N N 164 
MET OXT  O N N 165 
MET H    H N N 166 
MET H2   H N N 167 
MET HA   H N N 168 
MET HB2  H N N 169 
MET HB3  H N N 170 
MET HG2  H N N 171 
MET HG3  H N N 172 
MET HE1  H N N 173 
MET HE2  H N N 174 
MET HE3  H N N 175 
MET HXT  H N N 176 
PHE N    N N N 177 
PHE CA   C N S 178 
PHE C    C N N 179 
PHE O    O N N 180 
PHE CB   C N N 181 
PHE CG   C Y N 182 
PHE CD1  C Y N 183 
PHE CD2  C Y N 184 
PHE CE1  C Y N 185 
PHE CE2  C Y N 186 
PHE CZ   C Y N 187 
PHE OXT  O N N 188 
PHE H    H N N 189 
PHE H2   H N N 190 
PHE HA   H N N 191 
PHE HB2  H N N 192 
PHE HB3  H N N 193 
PHE HD1  H N N 194 
PHE HD2  H N N 195 
PHE HE1  H N N 196 
PHE HE2  H N N 197 
PHE HZ   H N N 198 
PHE HXT  H N N 199 
SER N    N N N 200 
SER CA   C N S 201 
SER C    C N N 202 
SER O    O N N 203 
SER CB   C N N 204 
SER OG   O N N 205 
SER OXT  O N N 206 
SER H    H N N 207 
SER H2   H N N 208 
SER HA   H N N 209 
SER HB2  H N N 210 
SER HB3  H N N 211 
SER HG   H N N 212 
SER HXT  H N N 213 
THR N    N N N 214 
THR CA   C N S 215 
THR C    C N N 216 
THR O    O N N 217 
THR CB   C N R 218 
THR OG1  O N N 219 
THR CG2  C N N 220 
THR OXT  O N N 221 
THR H    H N N 222 
THR H2   H N N 223 
THR HA   H N N 224 
THR HB   H N N 225 
THR HG1  H N N 226 
THR HG21 H N N 227 
THR HG22 H N N 228 
THR HG23 H N N 229 
THR HXT  H N N 230 
TYR N    N N N 231 
TYR CA   C N S 232 
TYR C    C N N 233 
TYR O    O N N 234 
TYR CB   C N N 235 
TYR CG   C Y N 236 
TYR CD1  C Y N 237 
TYR CD2  C Y N 238 
TYR CE1  C Y N 239 
TYR CE2  C Y N 240 
TYR CZ   C Y N 241 
TYR OH   O N N 242 
TYR OXT  O N N 243 
TYR H    H N N 244 
TYR H2   H N N 245 
TYR HA   H N N 246 
TYR HB2  H N N 247 
TYR HB3  H N N 248 
TYR HD1  H N N 249 
TYR HD2  H N N 250 
TYR HE1  H N N 251 
TYR HE2  H N N 252 
TYR HH   H N N 253 
TYR HXT  H N N 254 
VAL N    N N N 255 
VAL CA   C N S 256 
VAL C    C N N 257 
VAL O    O N N 258 
VAL CB   C N N 259 
VAL CG1  C N N 260 
VAL CG2  C N N 261 
VAL OXT  O N N 262 
VAL H    H N N 263 
VAL H2   H N N 264 
VAL HA   H N N 265 
VAL HB   H N N 266 
VAL HG11 H N N 267 
VAL HG12 H N N 268 
VAL HG13 H N N 269 
VAL HG21 H N N 270 
VAL HG22 H N N 271 
VAL HG23 H N N 272 
VAL HXT  H N N 273 
# 
loop_
_chem_comp_bond.comp_id 
_chem_comp_bond.atom_id_1 
_chem_comp_bond.atom_id_2 
_chem_comp_bond.value_order 
_chem_comp_bond.pdbx_aromatic_flag 
_chem_comp_bond.pdbx_stereo_config 
_chem_comp_bond.pdbx_ordinal 
ALA N   CA   sing N N 1   
ALA N   H    sing N N 2   
ALA N   H2   sing N N 3   
ALA CA  C    sing N N 4   
ALA CA  CB   sing N N 5   
ALA CA  HA   sing N N 6   
ALA C   O    doub N N 7   
ALA C   OXT  sing N N 8   
ALA CB  HB1  sing N N 9   
ALA CB  HB2  sing N N 10  
ALA CB  HB3  sing N N 11  
ALA OXT HXT  sing N N 12  
ARG N   CA   sing N N 13  
ARG N   H    sing N N 14  
ARG N   H2   sing N N 15  
ARG CA  C    sing N N 16  
ARG CA  CB   sing N N 17  
ARG CA  HA   sing N N 18  
ARG C   O    doub N N 19  
ARG C   OXT  sing N N 20  
ARG CB  CG   sing N N 21  
ARG CB  HB2  sing N N 22  
ARG CB  HB3  sing N N 23  
ARG CG  CD   sing N N 24  
ARG CG  HG2  sing N N 25  
ARG CG  HG3  sing N N 26  
ARG CD  NE   sing N N 27  
ARG CD  HD2  sing N N 28  
ARG CD  HD3  sing N N 29  
ARG NE  CZ   sing N N 30  
ARG NE  HE   sing N N 31  
ARG CZ  NH1  sing N N 32  
ARG CZ  NH2  doub N N 33  
ARG NH1 HH11 sing N N 34  
ARG NH1 HH12 sing N N 35  
ARG NH2 HH21 sing N N 36  
ARG NH2 HH22 sing N N 37  
ARG OXT HXT  sing N N 38  
ASN N   CA   sing N N 39  
ASN N   H    sing N N 40  
ASN N   H2   sing N N 41  
ASN CA  C    sing N N 42  
ASN CA  CB   sing N N 43  
ASN CA  HA   sing N N 44  
ASN C   O    doub N N 45  
ASN C   OXT  sing N N 46  
ASN CB  CG   sing N N 47  
ASN CB  HB2  sing N N 48  
ASN CB  HB3  sing N N 49  
ASN CG  OD1  doub N N 50  
ASN CG  ND2  sing N N 51  
ASN ND2 HD21 sing N N 52  
ASN ND2 HD22 sing N N 53  
ASN OXT HXT  sing N N 54  
GLN N   CA   sing N N 55  
GLN N   H    sing N N 56  
GLN N   H2   sing N N 57  
GLN CA  C    sing N N 58  
GLN CA  CB   sing N N 59  
GLN CA  HA   sing N N 60  
GLN C   O    doub N N 61  
GLN C   OXT  sing N N 62  
GLN CB  CG   sing N N 63  
GLN CB  HB2  sing N N 64  
GLN CB  HB3  sing N N 65  
GLN CG  CD   sing N N 66  
GLN CG  HG2  sing N N 67  
GLN CG  HG3  sing N N 68  
GLN CD  OE1  doub N N 69  
GLN CD  NE2  sing N N 70  
GLN NE2 HE21 sing N N 71  
GLN NE2 HE22 sing N N 72  
GLN OXT HXT  sing N N 73  
GLY N   CA   sing N N 74  
GLY N   H    sing N N 75  
GLY N   H2   sing N N 76  
GLY CA  C    sing N N 77  
GLY CA  HA2  sing N N 78  
GLY CA  HA3  sing N N 79  
GLY C   O    doub N N 80  
GLY C   OXT  sing N N 81  
GLY OXT HXT  sing N N 82  
ILE N   CA   sing N N 83  
ILE N   H    sing N N 84  
ILE N   H2   sing N N 85  
ILE CA  C    sing N N 86  
ILE CA  CB   sing N N 87  
ILE CA  HA   sing N N 88  
ILE C   O    doub N N 89  
ILE C   OXT  sing N N 90  
ILE CB  CG1  sing N N 91  
ILE CB  CG2  sing N N 92  
ILE CB  HB   sing N N 93  
ILE CG1 CD1  sing N N 94  
ILE CG1 HG12 sing N N 95  
ILE CG1 HG13 sing N N 96  
ILE CG2 HG21 sing N N 97  
ILE CG2 HG22 sing N N 98  
ILE CG2 HG23 sing N N 99  
ILE CD1 HD11 sing N N 100 
ILE CD1 HD12 sing N N 101 
ILE CD1 HD13 sing N N 102 
ILE OXT HXT  sing N N 103 
LEU N   CA   sing N N 104 
LEU N   H    sing N N 105 
LEU N   H2   sing N N 106 
LEU CA  C    sing N N 107 
LEU CA  CB   sing N N 108 
LEU CA  HA   sing N N 109 
LEU C   O    doub N N 110 
LEU C   OXT  sing N N 111 
LEU CB  CG   sing N N 112 
LEU CB  HB2  sing N N 113 
LEU CB  HB3  sing N N 114 
LEU CG  CD1  sing N N 115 
LEU CG  CD2  sing N N 116 
LEU CG  HG   sing N N 117 
LEU CD1 HD11 sing N N 118 
LEU CD1 HD12 sing N N 119 
LEU CD1 HD13 sing N N 120 
LEU CD2 HD21 sing N N 121 
LEU CD2 HD22 sing N N 122 
LEU CD2 HD23 sing N N 123 
LEU OXT HXT  sing N N 124 
LYS N   CA   sing N N 125 
LYS N   H    sing N N 126 
LYS N   H2   sing N N 127 
LYS CA  C    sing N N 128 
LYS CA  CB   sing N N 129 
LYS CA  HA   sing N N 130 
LYS C   O    doub N N 131 
LYS C   OXT  sing N N 132 
LYS CB  CG   sing N N 133 
LYS CB  HB2  sing N N 134 
LYS CB  HB3  sing N N 135 
LYS CG  CD   sing N N 136 
LYS CG  HG2  sing N N 137 
LYS CG  HG3  sing N N 138 
LYS CD  CE   sing N N 139 
LYS CD  HD2  sing N N 140 
LYS CD  HD3  sing N N 141 
LYS CE  NZ   sing N N 142 
LYS CE  HE2  sing N N 143 
LYS CE  HE3  sing N N 144 
LYS NZ  HZ1  sing N N 145 
LYS NZ  HZ2  sing N N 146 
LYS NZ  HZ3  sing N N 147 
LYS OXT HXT  sing N N 148 
MET N   CA   sing N N 149 
MET N   H    sing N N 150 
MET N   H2   sing N N 151 
MET CA  C    sing N N 152 
MET CA  CB   sing N N 153 
MET CA  HA   sing N N 154 
MET C   O    doub N N 155 
MET C   OXT  sing N N 156 
MET CB  CG   sing N N 157 
MET CB  HB2  sing N N 158 
MET CB  HB3  sing N N 159 
MET CG  SD   sing N N 160 
MET CG  HG2  sing N N 161 
MET CG  HG3  sing N N 162 
MET SD  CE   sing N N 163 
MET CE  HE1  sing N N 164 
MET CE  HE2  sing N N 165 
MET CE  HE3  sing N N 166 
MET OXT HXT  sing N N 167 
PHE N   CA   sing N N 168 
PHE N   H    sing N N 169 
PHE N   H2   sing N N 170 
PHE CA  C    sing N N 171 
PHE CA  CB   sing N N 172 
PHE CA  HA   sing N N 173 
PHE C   O    doub N N 174 
PHE C   OXT  sing N N 175 
PHE CB  CG   sing N N 176 
PHE CB  HB2  sing N N 177 
PHE CB  HB3  sing N N 178 
PHE CG  CD1  doub Y N 179 
PHE CG  CD2  sing Y N 180 
PHE CD1 CE1  sing Y N 181 
PHE CD1 HD1  sing N N 182 
PHE CD2 CE2  doub Y N 183 
PHE CD2 HD2  sing N N 184 
PHE CE1 CZ   doub Y N 185 
PHE CE1 HE1  sing N N 186 
PHE CE2 CZ   sing Y N 187 
PHE CE2 HE2  sing N N 188 
PHE CZ  HZ   sing N N 189 
PHE OXT HXT  sing N N 190 
SER N   CA   sing N N 191 
SER N   H    sing N N 192 
SER N   H2   sing N N 193 
SER CA  C    sing N N 194 
SER CA  CB   sing N N 195 
SER CA  HA   sing N N 196 
SER C   O    doub N N 197 
SER C   OXT  sing N N 198 
SER CB  OG   sing N N 199 
SER CB  HB2  sing N N 200 
SER CB  HB3  sing N N 201 
SER OG  HG   sing N N 202 
SER OXT HXT  sing N N 203 
THR N   CA   sing N N 204 
THR N   H    sing N N 205 
THR N   H2   sing N N 206 
THR CA  C    sing N N 207 
THR CA  CB   sing N N 208 
THR CA  HA   sing N N 209 
THR C   O    doub N N 210 
THR C   OXT  sing N N 211 
THR CB  OG1  sing N N 212 
THR CB  CG2  sing N N 213 
THR CB  HB   sing N N 214 
THR OG1 HG1  sing N N 215 
THR CG2 HG21 sing N N 216 
THR CG2 HG22 sing N N 217 
THR CG2 HG23 sing N N 218 
THR OXT HXT  sing N N 219 
TYR N   CA   sing N N 220 
TYR N   H    sing N N 221 
TYR N   H2   sing N N 222 
TYR CA  C    sing N N 223 
TYR CA  CB   sing N N 224 
TYR CA  HA   sing N N 225 
TYR C   O    doub N N 226 
TYR C   OXT  sing N N 227 
TYR CB  CG   sing N N 228 
TYR CB  HB2  sing N N 229 
TYR CB  HB3  sing N N 230 
TYR CG  CD1  doub Y N 231 
TYR CG  CD2  sing Y N 232 
TYR CD1 CE1  sing Y N 233 
TYR CD1 HD1  sing N N 234 
TYR CD2 CE2  doub Y N 235 
TYR CD2 HD2  sing N N 236 
TYR CE1 CZ   doub Y N 237 
TYR CE1 HE1  sing N N 238 
TYR CE2 CZ   sing Y N 239 
TYR CE2 HE2  sing N N 240 
TYR CZ  OH   sing N N 241 
TYR OH  HH   sing N N 242 
TYR OXT HXT  sing N N 243 
VAL N   CA   sing N N 244 
VAL N   H    sing N N 245 
VAL N   H2   sing N N 246 
VAL CA  C    sing N N 247 
VAL CA  CB   sing N N 248 
VAL CA  HA   sing N N 249 
VAL C   O    doub N N 250 
VAL C   OXT  sing N N 251 
VAL CB  CG1  sing N N 252 
VAL CB  CG2  sing N N 253 
VAL CB  HB   sing N N 254 
VAL CG1 HG11 sing N N 255 
VAL CG1 HG12 sing N N 256 
VAL CG1 HG13 sing N N 257 
VAL CG2 HG21 sing N N 258 
VAL CG2 HG22 sing N N 259 
VAL CG2 HG23 sing N N 260 
VAL OXT HXT  sing N N 261 
# 
_em_admin.current_status     REL 
_em_admin.deposition_date    2023-07-19 
_em_admin.deposition_site    RCSB 
_em_admin.entry_id           8TIF 
_em_admin.last_update        2025-05-28 
_em_admin.map_release_date   2024-01-10 
_em_admin.title              'Cryo-EM of mono-pilus from S. islandicus REY15A' 
# 
_em_ctf_correction.details                  ? 
_em_ctf_correction.em_image_processing_id   1 
_em_ctf_correction.id                       1 
_em_ctf_correction.type                     'PHASE FLIPPING AND AMPLITUDE CORRECTION' 
# 
_em_entity_assembly_naturalsource.cell                 ? 
_em_entity_assembly_naturalsource.cellular_location    ? 
_em_entity_assembly_naturalsource.entity_assembly_id   1 
_em_entity_assembly_naturalsource.id                   2 
_em_entity_assembly_naturalsource.ncbi_tax_id          930945 
_em_entity_assembly_naturalsource.organism             'Sulfolobus islandicus REY15A' 
_em_entity_assembly_naturalsource.organelle            ? 
_em_entity_assembly_naturalsource.organ                ? 
_em_entity_assembly_naturalsource.strain               ? 
_em_entity_assembly_naturalsource.tissue               ? 
_em_entity_assembly_naturalsource.details              ? 
# 
_em_helical_entity.id                             1 
_em_helical_entity.image_processing_id            1 
_em_helical_entity.details                        ? 
_em_helical_entity.axial_symmetry                 C1 
_em_helical_entity.angular_rotation_per_subunit   104.8 
_em_helical_entity.axial_rise_per_subunit         4.95 
# 
_em_image_processing.details              ? 
_em_image_processing.id                   1 
_em_image_processing.image_recording_id   1 
# 
_em_image_recording.average_exposure_time               ? 
_em_image_recording.avg_electron_dose_per_subtomogram   ? 
_em_image_recording.avg_electron_dose_per_image         50.0 
_em_image_recording.details                             ? 
_em_image_recording.detector_mode                       ? 
_em_image_recording.film_or_detector_model              'GATAN K3 (6k x 4k)' 
_em_image_recording.id                                  1 
_em_image_recording.imaging_id                          1 
_em_image_recording.num_diffraction_images              ? 
_em_image_recording.num_grids_imaged                    ? 
_em_image_recording.num_real_images                     ? 
# 
loop_
_em_software.category 
_em_software.details 
_em_software.id 
_em_software.image_processing_id 
_em_software.fitting_id 
_em_software.imaging_id 
_em_software.name 
_em_software.version 
'PARTICLE SELECTION'       ? 1  1 ? ? ?      ? 
'IMAGE ACQUISITION'        ? 2  ? ? 1 ?      ? 
MASKING                    ? 3  ? ? ? ?      ? 
'CTF CORRECTION'           ? 4  1 ? ? ?      ? 
'LAYERLINE INDEXING'       ? 5  ? ? ? ?      ? 
'DIFFRACTION INDEXING'     ? 6  ? ? ? ?      ? 
'MODEL FITTING'            ? 7  ? ? ? ?      ? 
'MODEL REFINEMENT'         ? 8  ? ? ? PHENIX ? 
OTHER                      ? 9  ? ? ? ?      ? 
'INITIAL EULER ASSIGNMENT' ? 10 1 ? ? ?      ? 
'FINAL EULER ASSIGNMENT'   ? 11 1 ? ? ?      ? 
CLASSIFICATION             ? 12 1 ? ? ?      ? 
RECONSTRUCTION             ? 13 1 ? ? ?      ? 
# 
_em_specimen.concentration           ? 
_em_specimen.details                 ? 
_em_specimen.embedding_applied       NO 
_em_specimen.experiment_id           1 
_em_specimen.id                      1 
_em_specimen.shadowing_applied       NO 
_em_specimen.staining_applied        NO 
_em_specimen.vitrification_applied   YES 
# 
loop_
_pdbx_audit_support.funding_organization 
_pdbx_audit_support.country 
_pdbx_audit_support.grant_number 
_pdbx_audit_support.ordinal 
'National Institutes of Health/National Institute of General Medical Sciences (NIH/NIGMS)' 'United States' GM138756 1 
'National Institutes of Health/National Institute of General Medical Sciences (NIH/NIGMS)' 'United States' GM122510 2 
# 
_atom_sites.entry_id                    8TIF 
_atom_sites.Cartn_transf_matrix[1][1]   ? 
_atom_sites.Cartn_transf_matrix[1][2]   ? 
_atom_sites.Cartn_transf_matrix[1][3]   ? 
_atom_sites.Cartn_transf_matrix[2][1]   ? 
_atom_sites.Cartn_transf_matrix[2][2]   ? 
_atom_sites.Cartn_transf_matrix[2][3]   ? 
_atom_sites.Cartn_transf_matrix[3][1]   ? 
_atom_sites.Cartn_transf_matrix[3][2]   ? 
_atom_sites.Cartn_transf_matrix[3][3]   ? 
_atom_sites.Cartn_transf_vector[1]      ? 
_atom_sites.Cartn_transf_vector[2]      ? 
_atom_sites.Cartn_transf_vector[3]      ? 
_atom_sites.fract_transf_matrix[1][1]   1.000000 
_atom_sites.fract_transf_matrix[1][2]   0.000000 
_atom_sites.fract_transf_matrix[1][3]   0.000000 
_atom_sites.fract_transf_matrix[2][1]   0.000000 
_atom_sites.fract_transf_matrix[2][2]   1.000000 
_atom_sites.fract_transf_matrix[2][3]   0.000000 
_atom_sites.fract_transf_matrix[3][1]   0.000000 
_atom_sites.fract_transf_matrix[3][2]   0.000000 
_atom_sites.fract_transf_matrix[3][3]   1.000000 
_atom_sites.fract_transf_vector[1]      0.00000 
_atom_sites.fract_transf_vector[2]      0.00000 
_atom_sites.fract_transf_vector[3]      0.00000 
_atom_sites.solution_primary            ? 
_atom_sites.solution_secondary          ? 
_atom_sites.solution_hydrogens          ? 
_atom_sites.special_details             ? 
# 
loop_
_atom_type.symbol 
C 
N 
O 
# 
loop_
_atom_site.group_PDB 
_atom_site.id 
_atom_site.type_symbol 
_atom_site.label_atom_id 
_atom_site.label_alt_id 
_atom_site.label_comp_id 
_atom_site.label_asym_id 
_atom_site.label_entity_id 
_atom_site.label_seq_id 
_atom_site.pdbx_PDB_ins_code 
_atom_site.Cartn_x 
_atom_site.Cartn_y 
_atom_site.Cartn_z 
_atom_site.occupancy 
_atom_site.B_iso_or_equiv 
_atom_site.pdbx_formal_charge 
_atom_site.auth_seq_id 
_atom_site.auth_comp_id 
_atom_site.auth_asym_id 
_atom_site.auth_atom_id 
_atom_site.pdbx_PDB_model_num 
ATOM 1   N N   . LEU A 1 13  ? 44.158  -38.931 9.596   1.00 55.01 ? 13  LEU A N   1 
ATOM 2   C CA  . LEU A 1 13  ? 44.145  -37.584 10.151  1.00 55.01 ? 13  LEU A CA  1 
ATOM 3   C C   . LEU A 1 13  ? 43.168  -36.701 9.392   1.00 55.01 ? 13  LEU A C   1 
ATOM 4   O O   . LEU A 1 13  ? 42.698  -35.689 9.909   1.00 55.01 ? 13  LEU A O   1 
ATOM 5   C CB  . LEU A 1 13  ? 45.545  -36.971 10.108  1.00 55.01 ? 13  LEU A CB  1 
ATOM 6   C CG  . LEU A 1 13  ? 45.809  -35.830 11.089  1.00 55.01 ? 13  LEU A CG  1 
ATOM 7   C CD1 . LEU A 1 13  ? 45.206  -36.147 12.440  1.00 55.01 ? 13  LEU A CD1 1 
ATOM 8   C CD2 . LEU A 1 13  ? 47.293  -35.568 11.217  1.00 55.01 ? 13  LEU A CD2 1 
ATOM 9   N N   . SER A 1 14  ? 42.860  -37.099 8.157   1.00 58.64 ? 14  SER A N   1 
ATOM 10  C CA  . SER A 1 14  ? 41.994  -36.287 7.311   1.00 58.64 ? 14  SER A CA  1 
ATOM 11  C C   . SER A 1 14  ? 40.566  -36.239 7.836   1.00 58.64 ? 14  SER A C   1 
ATOM 12  O O   . SER A 1 14  ? 39.871  -35.232 7.646   1.00 58.64 ? 14  SER A O   1 
ATOM 13  C CB  . SER A 1 14  ? 42.013  -36.823 5.882   1.00 58.64 ? 14  SER A CB  1 
ATOM 14  O OG  . SER A 1 14  ? 40.800  -36.523 5.217   1.00 58.64 ? 14  SER A OG  1 
ATOM 15  N N   . GLY A 1 15  ? 40.112  -37.309 8.492   1.00 57.97 ? 15  GLY A N   1 
ATOM 16  C CA  . GLY A 1 15  ? 38.734  -37.346 8.952   1.00 57.97 ? 15  GLY A CA  1 
ATOM 17  C C   . GLY A 1 15  ? 38.421  -36.244 9.944   1.00 57.97 ? 15  GLY A C   1 
ATOM 18  O O   . GLY A 1 15  ? 37.408  -35.552 9.822   1.00 57.97 ? 15  GLY A O   1 
ATOM 19  N N   . ALA A 1 16  ? 39.295  -36.055 10.931  1.00 57.51 ? 16  ALA A N   1 
ATOM 20  C CA  . ALA A 1 16  ? 39.050  -35.039 11.949  1.00 57.51 ? 16  ALA A CA  1 
ATOM 21  C C   . ALA A 1 16  ? 39.097  -33.635 11.360  1.00 57.51 ? 16  ALA A C   1 
ATOM 22  O O   . ALA A 1 16  ? 38.279  -32.774 11.718  1.00 57.51 ? 16  ALA A O   1 
ATOM 23  C CB  . ALA A 1 16  ? 40.065  -35.182 13.079  1.00 57.51 ? 16  ALA A CB  1 
ATOM 24  N N   . VAL A 1 17  ? 40.057  -33.381 10.471  1.00 55.50 ? 17  VAL A N   1 
ATOM 25  C CA  . VAL A 1 17  ? 40.160  -32.066 9.846   1.00 55.50 ? 17  VAL A CA  1 
ATOM 26  C C   . VAL A 1 17  ? 38.900  -31.766 9.049   1.00 55.50 ? 17  VAL A C   1 
ATOM 27  O O   . VAL A 1 17  ? 38.331  -30.671 9.140   1.00 55.50 ? 17  VAL A O   1 
ATOM 28  C CB  . VAL A 1 17  ? 41.420  -31.988 8.967   1.00 55.50 ? 17  VAL A CB  1 
ATOM 29  C CG1 . VAL A 1 17  ? 41.249  -30.939 7.888   1.00 55.50 ? 17  VAL A CG1 1 
ATOM 30  C CG2 . VAL A 1 17  ? 42.635  -31.686 9.819   1.00 55.50 ? 17  VAL A CG2 1 
ATOM 31  N N   . THR A 1 18  ? 38.435  -32.746 8.270   1.00 55.93 ? 18  THR A N   1 
ATOM 32  C CA  . THR A 1 18  ? 37.194  -32.567 7.525   1.00 55.93 ? 18  THR A CA  1 
ATOM 33  C C   . THR A 1 18  ? 36.027  -32.323 8.468   1.00 55.93 ? 18  THR A C   1 
ATOM 34  O O   . THR A 1 18  ? 35.165  -31.475 8.199   1.00 55.93 ? 18  THR A O   1 
ATOM 35  C CB  . THR A 1 18  ? 36.918  -33.791 6.656   1.00 55.93 ? 18  THR A CB  1 
ATOM 36  O OG1 . THR A 1 18  ? 38.026  -34.015 5.780   1.00 55.93 ? 18  THR A OG1 1 
ATOM 37  C CG2 . THR A 1 18  ? 35.670  -33.577 5.826   1.00 55.93 ? 18  THR A CG2 1 
ATOM 38  N N   . ALA A 1 19  ? 35.987  -33.054 9.583   1.00 56.92 ? 19  ALA A N   1 
ATOM 39  C CA  . ALA A 1 19  ? 34.897  -32.898 10.536  1.00 56.92 ? 19  ALA A CA  1 
ATOM 40  C C   . ALA A 1 19  ? 34.837  -31.477 11.070  1.00 56.92 ? 19  ALA A C   1 
ATOM 41  O O   . ALA A 1 19  ? 33.770  -30.853 11.083  1.00 56.92 ? 19  ALA A O   1 
ATOM 42  C CB  . ALA A 1 19  ? 35.056  -33.896 11.682  1.00 56.92 ? 19  ALA A CB  1 
ATOM 43  N N   . LEU A 1 20  ? 35.978  -30.932 11.498  1.00 56.63 ? 20  LEU A N   1 
ATOM 44  C CA  . LEU A 1 20  ? 35.930  -29.587 12.066  1.00 56.63 ? 20  LEU A CA  1 
ATOM 45  C C   . LEU A 1 20  ? 35.678  -28.540 10.991  1.00 56.63 ? 20  LEU A C   1 
ATOM 46  O O   . LEU A 1 20  ? 34.994  -27.542 11.247  1.00 56.63 ? 20  LEU A O   1 
ATOM 47  C CB  . LEU A 1 20  ? 37.194  -29.266 12.871  1.00 56.63 ? 20  LEU A CB  1 
ATOM 48  C CG  . LEU A 1 20  ? 37.440  -27.776 13.179  1.00 56.63 ? 20  LEU A CG  1 
ATOM 49  C CD1 . LEU A 1 20  ? 38.266  -27.608 14.418  1.00 56.63 ? 20  LEU A CD1 1 
ATOM 50  C CD2 . LEU A 1 20  ? 38.192  -27.075 12.050  1.00 56.63 ? 20  LEU A CD2 1 
ATOM 51  N N   . ILE A 1 21  ? 36.228  -28.729 9.791   1.00 55.60 ? 21  ILE A N   1 
ATOM 52  C CA  . ILE A 1 21  ? 35.976  -27.763 8.727   1.00 55.60 ? 21  ILE A CA  1 
ATOM 53  C C   . ILE A 1 21  ? 34.484  -27.692 8.435   1.00 55.60 ? 21  ILE A C   1 
ATOM 54  O O   . ILE A 1 21  ? 33.894  -26.607 8.348   1.00 55.60 ? 21  ILE A O   1 
ATOM 55  C CB  . ILE A 1 21  ? 36.777  -28.127 7.467   1.00 55.60 ? 21  ILE A CB  1 
ATOM 56  C CG1 . ILE A 1 21  ? 38.265  -27.872 7.691   1.00 55.60 ? 21  ILE A CG1 1 
ATOM 57  C CG2 . ILE A 1 21  ? 36.293  -27.307 6.290   1.00 55.60 ? 21  ILE A CG2 1 
ATOM 58  C CD1 . ILE A 1 21  ? 39.103  -28.037 6.445   1.00 55.60 ? 21  ILE A CD1 1 
ATOM 59  N N   . LEU A 1 22  ? 33.847  -28.857 8.318   1.00 53.97 ? 22  LEU A N   1 
ATOM 60  C CA  . LEU A 1 22  ? 32.415  -28.886 8.058   1.00 53.97 ? 22  LEU A CA  1 
ATOM 61  C C   . LEU A 1 22  ? 31.625  -28.336 9.237   1.00 53.97 ? 22  LEU A C   1 
ATOM 62  O O   . LEU A 1 22  ? 30.599  -27.680 9.042   1.00 53.97 ? 22  LEU A O   1 
ATOM 63  C CB  . LEU A 1 22  ? 31.979  -30.309 7.723   1.00 53.97 ? 22  LEU A CB  1 
ATOM 64  C CG  . LEU A 1 22  ? 32.393  -30.756 6.324   1.00 53.97 ? 22  LEU A CG  1 
ATOM 65  C CD1 . LEU A 1 22  ? 32.014  -32.203 6.089   1.00 53.97 ? 22  LEU A CD1 1 
ATOM 66  C CD2 . LEU A 1 22  ? 31.758  -29.860 5.282   1.00 53.97 ? 22  LEU A CD2 1 
ATOM 67  N N   . VAL A 1 23  ? 32.085  -28.578 10.467  1.00 55.12 ? 23  VAL A N   1 
ATOM 68  C CA  . VAL A 1 23  ? 31.378  -28.057 11.634  1.00 55.12 ? 23  VAL A CA  1 
ATOM 69  C C   . VAL A 1 23  ? 31.405  -26.534 11.639  1.00 55.12 ? 23  VAL A C   1 
ATOM 70  O O   . VAL A 1 23  ? 30.381  -25.878 11.863  1.00 55.12 ? 23  VAL A O   1 
ATOM 71  C CB  . VAL A 1 23  ? 31.979  -28.639 12.926  1.00 55.12 ? 23  VAL A CB  1 
ATOM 72  C CG1 . VAL A 1 23  ? 31.769  -27.690 14.088  1.00 55.12 ? 23  VAL A CG1 1 
ATOM 73  C CG2 . VAL A 1 23  ? 31.362  -29.987 13.231  1.00 55.12 ? 23  VAL A CG2 1 
ATOM 74  N N   . ILE A 1 24  ? 32.577  -25.949 11.386  1.00 54.26 ? 24  ILE A N   1 
ATOM 75  C CA  . ILE A 1 24  ? 32.692  -24.494 11.363  1.00 54.26 ? 24  ILE A CA  1 
ATOM 76  C C   . ILE A 1 24  ? 31.850  -23.914 10.236  1.00 54.26 ? 24  ILE A C   1 
ATOM 77  O O   . ILE A 1 24  ? 31.154  -22.904 10.413  1.00 54.26 ? 24  ILE A O   1 
ATOM 78  C CB  . ILE A 1 24  ? 34.169  -24.078 11.241  1.00 54.26 ? 24  ILE A CB  1 
ATOM 79  C CG1 . ILE A 1 24  ? 34.910  -24.359 12.545  1.00 54.26 ? 24  ILE A CG1 1 
ATOM 80  C CG2 . ILE A 1 24  ? 34.276  -22.609 10.897  1.00 54.26 ? 24  ILE A CG2 1 
ATOM 81  C CD1 . ILE A 1 24  ? 34.192  -23.850 13.765  1.00 54.26 ? 24  ILE A CD1 1 
ATOM 82  N N   . ALA A 1 25  ? 31.898  -24.544 9.060   1.00 52.61 ? 25  ALA A N   1 
ATOM 83  C CA  . ALA A 1 25  ? 31.087  -24.067 7.946   1.00 52.61 ? 25  ALA A CA  1 
ATOM 84  C C   . ALA A 1 25  ? 29.605  -24.130 8.282   1.00 52.61 ? 25  ALA A C   1 
ATOM 85  O O   . ALA A 1 25  ? 28.850  -23.202 7.970   1.00 52.61 ? 25  ALA A O   1 
ATOM 86  C CB  . ALA A 1 25  ? 31.390  -24.882 6.693   1.00 52.61 ? 25  ALA A CB  1 
ATOM 87  N N   . SER A 1 26  ? 29.170  -25.218 8.916   1.00 52.94 ? 26  SER A N   1 
ATOM 88  C CA  . SER A 1 26  ? 27.770  -25.344 9.294   1.00 52.94 ? 26  SER A CA  1 
ATOM 89  C C   . SER A 1 26  ? 27.373  -24.275 10.296  1.00 52.94 ? 26  SER A C   1 
ATOM 90  O O   . SER A 1 26  ? 26.271  -23.724 10.218  1.00 52.94 ? 26  SER A O   1 
ATOM 91  C CB  . SER A 1 26  ? 27.502  -26.730 9.868   1.00 52.94 ? 26  SER A CB  1 
ATOM 92  O OG  . SER A 1 26  ? 26.248  -26.753 10.523  1.00 52.94 ? 26  SER A OG  1 
ATOM 93  N N   . VAL A 1 27  ? 28.249  -23.979 11.255  1.00 51.67 ? 27  VAL A N   1 
ATOM 94  C CA  . VAL A 1 27  ? 27.944  -22.939 12.233  1.00 51.67 ? 27  VAL A CA  1 
ATOM 95  C C   . VAL A 1 27  ? 27.770  -21.598 11.536  1.00 51.67 ? 27  VAL A C   1 
ATOM 96  O O   . VAL A 1 27  ? 26.812  -20.859 11.800  1.00 51.67 ? 27  VAL A O   1 
ATOM 97  C CB  . VAL A 1 27  ? 29.038  -22.878 13.311  1.00 51.67 ? 27  VAL A CB  1 
ATOM 98  C CG1 . VAL A 1 27  ? 28.979  -21.557 14.049  1.00 51.67 ? 27  VAL A CG1 1 
ATOM 99  C CG2 . VAL A 1 27  ? 28.878  -24.033 14.276  1.00 51.67 ? 27  VAL A CG2 1 
ATOM 100 N N   . ILE A 1 28  ? 28.681  -21.278 10.616  1.00 52.53 ? 28  ILE A N   1 
ATOM 101 C CA  . ILE A 1 28  ? 28.593  -20.010 9.893   1.00 52.53 ? 28  ILE A CA  1 
ATOM 102 C C   . ILE A 1 28  ? 27.292  -19.937 9.103   1.00 52.53 ? 28  ILE A C   1 
ATOM 103 O O   . ILE A 1 28  ? 26.571  -18.931 9.146   1.00 52.53 ? 28  ILE A O   1 
ATOM 104 C CB  . ILE A 1 28  ? 29.814  -19.834 8.975   1.00 52.53 ? 28  ILE A CB  1 
ATOM 105 C CG1 . ILE A 1 28  ? 30.988  -19.251 9.755   1.00 52.53 ? 28  ILE A CG1 1 
ATOM 106 C CG2 . ILE A 1 28  ? 29.472  -18.942 7.799   1.00 52.53 ? 28  ILE A CG2 1 
ATOM 107 C CD1 . ILE A 1 28  ? 32.164  -18.879 8.882   1.00 52.53 ? 28  ILE A CD1 1 
ATOM 108 N N   . ILE A 1 29  ? 26.968  -21.008 8.379   1.00 51.41 ? 29  ILE A N   1 
ATOM 109 C CA  . ILE A 1 29  ? 25.785  -20.996 7.527   1.00 51.41 ? 29  ILE A CA  1 
ATOM 110 C C   . ILE A 1 29  ? 24.515  -20.894 8.362   1.00 51.41 ? 29  ILE A C   1 
ATOM 111 O O   . ILE A 1 29  ? 23.588  -20.151 8.016   1.00 51.41 ? 29  ILE A O   1 
ATOM 112 C CB  . ILE A 1 29  ? 25.773  -22.236 6.620   1.00 51.41 ? 29  ILE A CB  1 
ATOM 113 C CG1 . ILE A 1 29  ? 26.984  -22.222 5.694   1.00 51.41 ? 29  ILE A CG1 1 
ATOM 114 C CG2 . ILE A 1 29  ? 24.526  -22.265 5.796   1.00 51.41 ? 29  ILE A CG2 1 
ATOM 115 C CD1 . ILE A 1 29  ? 26.988  -23.344 4.695   1.00 51.41 ? 29  ILE A CD1 1 
ATOM 116 N N   . ALA A 1 30  ? 24.441  -21.646 9.461   1.00 51.89 ? 30  ALA A N   1 
ATOM 117 C CA  . ALA A 1 30  ? 23.259  -21.590 10.313  1.00 51.89 ? 30  ALA A CA  1 
ATOM 118 C C   . ALA A 1 30  ? 23.090  -20.208 10.924  1.00 51.89 ? 30  ALA A C   1 
ATOM 119 O O   . ALA A 1 30  ? 21.970  -19.690 11.003  1.00 51.89 ? 30  ALA A O   1 
ATOM 120 C CB  . ALA A 1 30  ? 23.347  -22.655 11.402  1.00 51.89 ? 30  ALA A CB  1 
ATOM 121 N N   . LEU A 1 31  ? 24.190  -19.591 11.363  1.00 52.17 ? 31  LEU A N   1 
ATOM 122 C CA  . LEU A 1 31  ? 24.099  -18.238 11.891  1.00 52.17 ? 31  LEU A CA  1 
ATOM 123 C C   . LEU A 1 31  ? 23.601  -17.274 10.827  1.00 52.17 ? 31  LEU A C   1 
ATOM 124 O O   . LEU A 1 31  ? 22.757  -16.412 11.103  1.00 52.17 ? 31  LEU A O   1 
ATOM 125 C CB  . LEU A 1 31  ? 25.456  -17.793 12.430  1.00 52.17 ? 31  LEU A CB  1 
ATOM 126 C CG  . LEU A 1 31  ? 25.582  -17.704 13.950  1.00 52.17 ? 31  LEU A CG  1 
ATOM 127 C CD1 . LEU A 1 31  ? 26.837  -16.943 14.339  1.00 52.17 ? 31  LEU A CD1 1 
ATOM 128 C CD2 . LEU A 1 31  ? 24.353  -17.048 14.548  1.00 52.17 ? 31  LEU A CD2 1 
ATOM 129 N N   . VAL A 1 32  ? 24.094  -17.419 9.595   1.00 51.33 ? 32  VAL A N   1 
ATOM 130 C CA  . VAL A 1 32  ? 23.657  -16.546 8.509   1.00 51.33 ? 32  VAL A CA  1 
ATOM 131 C C   . VAL A 1 32  ? 22.165  -16.708 8.258   1.00 51.33 ? 32  VAL A C   1 
ATOM 132 O O   . VAL A 1 32  ? 21.436  -15.720 8.108   1.00 51.33 ? 32  VAL A O   1 
ATOM 133 C CB  . VAL A 1 32  ? 24.471  -16.834 7.236   1.00 51.33 ? 32  VAL A CB  1 
ATOM 134 C CG1 . VAL A 1 32  ? 23.723  -16.352 6.009   1.00 51.33 ? 32  VAL A CG1 1 
ATOM 135 C CG2 . VAL A 1 32  ? 25.828  -16.177 7.324   1.00 51.33 ? 32  VAL A CG2 1 
ATOM 136 N N   . VAL A 1 33  ? 21.687  -17.951 8.211   1.00 50.05 ? 33  VAL A N   1 
ATOM 137 C CA  . VAL A 1 33  ? 20.276  -18.193 7.922   1.00 50.05 ? 33  VAL A CA  1 
ATOM 138 C C   . VAL A 1 33  ? 19.393  -17.649 9.038   1.00 50.05 ? 33  VAL A C   1 
ATOM 139 O O   . VAL A 1 33  ? 18.350  -17.037 8.779   1.00 50.05 ? 33  VAL A O   1 
ATOM 140 C CB  . VAL A 1 33  ? 20.027  -19.690 7.682   1.00 50.05 ? 33  VAL A CB  1 
ATOM 141 C CG1 . VAL A 1 33  ? 18.548  -19.949 7.509   1.00 50.05 ? 33  VAL A CG1 1 
ATOM 142 C CG2 . VAL A 1 33  ? 20.782  -20.151 6.460   1.00 50.05 ? 33  VAL A CG2 1 
ATOM 143 N N   . VAL A 1 34  ? 19.787  -17.865 10.294  1.00 52.55 ? 34  VAL A N   1 
ATOM 144 C CA  . VAL A 1 34  ? 18.988  -17.371 11.413  1.00 52.55 ? 34  VAL A CA  1 
ATOM 145 C C   . VAL A 1 34  ? 18.937  -15.849 11.402  1.00 52.55 ? 34  VAL A C   1 
ATOM 146 O O   . VAL A 1 34  ? 17.871  -15.243 11.592  1.00 52.55 ? 34  VAL A O   1 
ATOM 147 C CB  . VAL A 1 34  ? 19.549  -17.913 12.738  1.00 52.55 ? 34  VAL A CB  1 
ATOM 148 C CG1 . VAL A 1 34  ? 18.920  -17.201 13.916  1.00 52.55 ? 34  VAL A CG1 1 
ATOM 149 C CG2 . VAL A 1 34  ? 19.324  -19.405 12.826  1.00 52.55 ? 34  VAL A CG2 1 
ATOM 150 N N   . GLY A 1 35  ? 20.085  -15.207 11.182  1.00 52.01 ? 35  GLY A N   1 
ATOM 151 C CA  . GLY A 1 35  ? 20.097  -13.759 11.095  1.00 52.01 ? 35  GLY A CA  1 
ATOM 152 C C   . GLY A 1 35  ? 19.237  -13.241 9.960   1.00 52.01 ? 35  GLY A C   1 
ATOM 153 O O   . GLY A 1 35  ? 18.542  -12.235 10.105  1.00 52.01 ? 35  GLY A O   1 
ATOM 154 N N   . PHE A 1 36  ? 19.269  -13.924 8.814   1.00 51.27 ? 36  PHE A N   1 
ATOM 155 C CA  . PHE A 1 36  ? 18.429  -13.515 7.696   1.00 51.27 ? 36  PHE A CA  1 
ATOM 156 C C   . PHE A 1 36  ? 16.953  -13.654 8.037   1.00 51.27 ? 36  PHE A C   1 
ATOM 157 O O   . PHE A 1 36  ? 16.143  -12.803 7.658   1.00 51.27 ? 36  PHE A O   1 
ATOM 158 C CB  . PHE A 1 36  ? 18.764  -14.335 6.454   1.00 51.27 ? 36  PHE A CB  1 
ATOM 159 C CG  . PHE A 1 36  ? 17.710  -14.274 5.390   1.00 51.27 ? 36  PHE A CG  1 
ATOM 160 C CD1 . PHE A 1 36  ? 17.519  -13.122 4.654   1.00 51.27 ? 36  PHE A CD1 1 
ATOM 161 C CD2 . PHE A 1 36  ? 16.909  -15.367 5.129   1.00 51.27 ? 36  PHE A CD2 1 
ATOM 162 C CE1 . PHE A 1 36  ? 16.551  -13.063 3.676   1.00 51.27 ? 36  PHE A CE1 1 
ATOM 163 C CE2 . PHE A 1 36  ? 15.941  -15.312 4.152   1.00 51.27 ? 36  PHE A CE2 1 
ATOM 164 C CZ  . PHE A 1 36  ? 15.762  -14.159 3.426   1.00 51.27 ? 36  PHE A CZ  1 
ATOM 165 N N   . ALA A 1 37  ? 16.584  -14.724 8.745   1.00 51.99 ? 37  ALA A N   1 
ATOM 166 C CA  . ALA A 1 37  ? 15.190  -14.892 9.145   1.00 51.99 ? 37  ALA A CA  1 
ATOM 167 C C   . ALA A 1 37  ? 14.744  -13.767 10.069  1.00 51.99 ? 37  ALA A C   1 
ATOM 168 O O   . ALA A 1 37  ? 13.646  -13.219 9.912   1.00 51.99 ? 37  ALA A O   1 
ATOM 169 C CB  . ALA A 1 37  ? 14.993  -16.247 9.819   1.00 51.99 ? 37  ALA A CB  1 
ATOM 170 N N   . PHE A 1 38  ? 15.589  -13.397 11.033  1.00 52.55 ? 38  PHE A N   1 
ATOM 171 C CA  . PHE A 1 38  ? 15.216  -12.313 11.938  1.00 52.55 ? 38  PHE A CA  1 
ATOM 172 C C   . PHE A 1 38  ? 15.149  -10.976 11.205  1.00 52.55 ? 38  PHE A C   1 
ATOM 173 O O   . PHE A 1 38  ? 14.268  -10.147 11.481  1.00 52.55 ? 38  PHE A O   1 
ATOM 174 C CB  . PHE A 1 38  ? 16.195  -12.251 13.108  1.00 52.55 ? 38  PHE A CB  1 
ATOM 175 C CG  . PHE A 1 38  ? 15.902  -13.249 14.186  1.00 52.55 ? 38  PHE A CG  1 
ATOM 176 C CD1 . PHE A 1 38  ? 14.684  -13.242 14.837  1.00 52.55 ? 38  PHE A CD1 1 
ATOM 177 C CD2 . PHE A 1 38  ? 16.837  -14.201 14.542  1.00 52.55 ? 38  PHE A CD2 1 
ATOM 178 C CE1 . PHE A 1 38  ? 14.409  -14.161 15.825  1.00 52.55 ? 38  PHE A CE1 1 
ATOM 179 C CE2 . PHE A 1 38  ? 16.565  -15.123 15.527  1.00 52.55 ? 38  PHE A CE2 1 
ATOM 180 C CZ  . PHE A 1 38  ? 15.352  -15.102 16.168  1.00 52.55 ? 38  PHE A CZ  1 
ATOM 181 N N   . GLY A 1 39  ? 16.063  -10.749 10.264  1.00 56.61 ? 39  GLY A N   1 
ATOM 182 C CA  . GLY A 1 39  ? 15.988  -9.543  9.458   1.00 56.61 ? 39  GLY A CA  1 
ATOM 183 C C   . GLY A 1 39  ? 14.723  -9.485  8.625   1.00 56.61 ? 39  GLY A C   1 
ATOM 184 O O   . GLY A 1 39  ? 14.127  -8.419  8.455   1.00 56.61 ? 39  GLY A O   1 
ATOM 185 N N   . LEU A 1 40  ? 14.299  -10.629 8.089   1.00 54.53 ? 40  LEU A N   1 
ATOM 186 C CA  . LEU A 1 40  ? 13.043  -10.679 7.352   1.00 54.53 ? 40  LEU A CA  1 
ATOM 187 C C   . LEU A 1 40  ? 11.863  -10.395 8.268   1.00 54.53 ? 40  LEU A C   1 
ATOM 188 O O   . LEU A 1 40  ? 10.900  -9.732  7.869   1.00 54.53 ? 40  LEU A O   1 
ATOM 189 C CB  . LEU A 1 40  ? 12.891  -12.039 6.676   1.00 54.53 ? 40  LEU A CB  1 
ATOM 190 C CG  . LEU A 1 40  ? 11.840  -12.145 5.578   1.00 54.53 ? 40  LEU A CG  1 
ATOM 191 C CD1 . LEU A 1 40  ? 12.388  -12.943 4.414   1.00 54.53 ? 40  LEU A CD1 1 
ATOM 192 C CD2 . LEU A 1 40  ? 10.584  -12.795 6.124   1.00 54.53 ? 40  LEU A CD2 1 
ATOM 193 N N   . PHE A 1 41  ? 11.923  -10.899 9.501   1.00 56.15 ? 41  PHE A N   1 
ATOM 194 C CA  . PHE A 1 41  ? 10.915  -10.565 10.500  1.00 56.15 ? 41  PHE A CA  1 
ATOM 195 C C   . PHE A 1 41  ? 10.793  -9.055  10.643  1.00 56.15 ? 41  PHE A C   1 
ATOM 196 O O   . PHE A 1 41  ? 9.701   -8.481  10.519  1.00 56.15 ? 41  PHE A O   1 
ATOM 197 C CB  . PHE A 1 41  ? 11.315  -11.180 11.839  1.00 56.15 ? 41  PHE A CB  1 
ATOM 198 C CG  . PHE A 1 41  ? 10.588  -12.438 12.180  1.00 56.15 ? 41  PHE A CG  1 
ATOM 199 C CD1 . PHE A 1 41  ? 10.102  -13.258 11.180  1.00 56.15 ? 41  PHE A CD1 1 
ATOM 200 C CD2 . PHE A 1 41  ? 10.461  -12.843 13.495  1.00 56.15 ? 41  PHE A CD2 1 
ATOM 201 C CE1 . PHE A 1 41  ? 9.458   -14.431 11.483  1.00 56.15 ? 41  PHE A CE1 1 
ATOM 202 C CE2 . PHE A 1 41  ? 9.822   -14.018 13.806  1.00 56.15 ? 41  PHE A CE2 1 
ATOM 203 C CZ  . PHE A 1 41  ? 9.316   -14.812 12.796  1.00 56.15 ? 41  PHE A CZ  1 
ATOM 204 N N   . GLY A 1 42  ? 11.930  -8.398  10.873  1.00 58.25 ? 42  GLY A N   1 
ATOM 205 C CA  . GLY A 1 42  ? 11.922  -6.957  11.067  1.00 58.25 ? 42  GLY A CA  1 
ATOM 206 C C   . GLY A 1 42  ? 11.451  -6.199  9.841   1.00 58.25 ? 42  GLY A C   1 
ATOM 207 O O   . GLY A 1 42  ? 10.764  -5.182  9.953   1.00 58.25 ? 42  GLY A O   1 
ATOM 208 N N   . ALA A 1 43  ? 11.844  -6.663  8.656   1.00 59.25 ? 43  ALA A N   1 
ATOM 209 C CA  . ALA A 1 43  ? 11.401  -6.014  7.429   1.00 59.25 ? 43  ALA A CA  1 
ATOM 210 C C   . ALA A 1 43  ? 9.893   -6.134  7.253   1.00 59.25 ? 43  ALA A C   1 
ATOM 211 O O   . ALA A 1 43  ? 9.232   -5.179  6.835   1.00 59.25 ? 43  ALA A O   1 
ATOM 212 C CB  . ALA A 1 43  ? 12.131  -6.611  6.229   1.00 59.25 ? 43  ALA A CB  1 
ATOM 213 N N   . PHE A 1 44  ? 9.331   -7.305  7.560   1.00 57.60 ? 44  PHE A N   1 
ATOM 214 C CA  . PHE A 1 44  ? 7.911   -7.517  7.307   1.00 57.60 ? 44  PHE A CA  1 
ATOM 215 C C   . PHE A 1 44  ? 7.026   -6.825  8.332   1.00 57.60 ? 44  PHE A C   1 
ATOM 216 O O   . PHE A 1 44  ? 5.915   -6.404  7.990   1.00 57.60 ? 44  PHE A O   1 
ATOM 217 C CB  . PHE A 1 44  ? 7.592   -9.008  7.269   1.00 57.60 ? 44  PHE A CB  1 
ATOM 218 C CG  . PHE A 1 44  ? 7.416   -9.548  5.886   1.00 57.60 ? 44  PHE A CG  1 
ATOM 219 C CD1 . PHE A 1 44  ? 8.401   -9.376  4.932   1.00 57.60 ? 44  PHE A CD1 1 
ATOM 220 C CD2 . PHE A 1 44  ? 6.263   -10.223 5.536   1.00 57.60 ? 44  PHE A CD2 1 
ATOM 221 C CE1 . PHE A 1 44  ? 8.238   -9.870  3.655   1.00 57.60 ? 44  PHE A CE1 1 
ATOM 222 C CE2 . PHE A 1 44  ? 6.095   -10.719 4.264   1.00 57.60 ? 44  PHE A CE2 1 
ATOM 223 C CZ  . PHE A 1 44  ? 7.084   -10.543 3.322   1.00 57.60 ? 44  PHE A CZ  1 
ATOM 224 N N   . THR A 1 45  ? 7.466   -6.710  9.587   1.00 56.67 ? 45  THR A N   1 
ATOM 225 C CA  . THR A 1 45  ? 6.588   -6.089  10.575  1.00 56.67 ? 45  THR A CA  1 
ATOM 226 C C   . THR A 1 45  ? 6.376   -4.610  10.277  1.00 56.67 ? 45  THR A C   1 
ATOM 227 O O   . THR A 1 45  ? 5.266   -4.092  10.436  1.00 56.67 ? 45  THR A O   1 
ATOM 228 C CB  . THR A 1 45  ? 7.137   -6.275  11.983  1.00 56.67 ? 45  THR A CB  1 
ATOM 229 O OG1 . THR A 1 45  ? 6.454   -5.386  12.873  1.00 56.67 ? 45  THR A OG1 1 
ATOM 230 C CG2 . THR A 1 45  ? 8.598   -5.963  12.016  1.00 56.67 ? 45  THR A CG2 1 
ATOM 231 N N   . GLY A 1 46  ? 7.423   -3.915  9.843   1.00 56.42 ? 46  GLY A N   1 
ATOM 232 C CA  . GLY A 1 46  ? 7.315   -2.508  9.516   1.00 56.42 ? 46  GLY A CA  1 
ATOM 233 C C   . GLY A 1 46  ? 7.125   -2.274  8.032   1.00 56.42 ? 46  GLY A C   1 
ATOM 234 O O   . GLY A 1 46  ? 7.485   -1.218  7.504   1.00 56.42 ? 46  GLY A O   1 
ATOM 235 N N   . GLN A 1 47  ? 6.547   -3.266  7.352   1.00 59.12 ? 47  GLN A N   1 
ATOM 236 C CA  . GLN A 1 47  ? 6.418   -3.215  5.899   1.00 59.12 ? 47  GLN A CA  1 
ATOM 237 C C   . GLN A 1 47  ? 5.547   -2.054  5.439   1.00 59.12 ? 47  GLN A C   1 
ATOM 238 O O   . GLN A 1 47  ? 5.683   -1.594  4.300   1.00 59.12 ? 47  GLN A O   1 
ATOM 239 C CB  . GLN A 1 47  ? 5.863   -4.546  5.392   1.00 59.12 ? 47  GLN A CB  1 
ATOM 240 C CG  . GLN A 1 47  ? 4.383   -4.538  5.063   1.00 59.12 ? 47  GLN A CG  1 
ATOM 241 C CD  . GLN A 1 47  ? 3.941   -5.810  4.376   1.00 59.12 ? 47  GLN A CD  1 
ATOM 242 O OE1 . GLN A 1 47  ? 4.580   -6.852  4.508   1.00 59.12 ? 47  GLN A OE1 1 
ATOM 243 N NE2 . GLN A 1 47  ? 2.837   -5.735  3.645   1.00 59.12 ? 47  GLN A NE2 1 
ATOM 244 N N   . GLY A 1 48  ? 4.658   -1.565  6.294   1.00 59.11 ? 48  GLY A N   1 
ATOM 245 C CA  . GLY A 1 48  ? 3.777   -0.480  5.911   1.00 59.11 ? 48  GLY A CA  1 
ATOM 246 C C   . GLY A 1 48  ? 2.323   -0.894  5.828   1.00 59.11 ? 48  GLY A C   1 
ATOM 247 O O   . GLY A 1 48  ? 1.881   -1.450  4.819   1.00 59.11 ? 48  GLY A O   1 
ATOM 248 N N   . THR A 1 49  ? 1.569   -0.609  6.883   1.00 62.27 ? 49  THR A N   1 
ATOM 249 C CA  . THR A 1 49  ? 0.165   -0.981  6.974   1.00 62.27 ? 49  THR A CA  1 
ATOM 250 C C   . THR A 1 49  ? -0.688  0.258   6.751   1.00 62.27 ? 49  THR A C   1 
ATOM 251 O O   . THR A 1 49  ? -0.528  1.256   7.458   1.00 62.27 ? 49  THR A O   1 
ATOM 252 C CB  . THR A 1 49  ? -0.144  -1.579  8.345   1.00 62.27 ? 49  THR A CB  1 
ATOM 253 O OG1 . THR A 1 49  ? -0.271  -0.522  9.303   1.00 62.27 ? 49  THR A OG1 1 
ATOM 254 C CG2 . THR A 1 49  ? 0.993   -2.480  8.787   1.00 62.27 ? 49  THR A CG2 1 
ATOM 255 N N   . VAL A 1 50  ? -1.598  0.192   5.784   1.00 55.30 ? 50  VAL A N   1 
ATOM 256 C CA  . VAL A 1 50  ? -2.440  1.323   5.417   1.00 55.30 ? 50  VAL A CA  1 
ATOM 257 C C   . VAL A 1 50  ? -3.895  0.909   5.549   1.00 55.30 ? 50  VAL A C   1 
ATOM 258 O O   . VAL A 1 50  ? -4.289  -0.151  5.053   1.00 55.30 ? 50  VAL A O   1 
ATOM 259 C CB  . VAL A 1 50  ? -2.142  1.813   3.990   1.00 55.30 ? 50  VAL A CB  1 
ATOM 260 C CG1 . VAL A 1 50  ? -3.080  2.936   3.616   1.00 55.30 ? 50  VAL A CG1 1 
ATOM 261 C CG2 . VAL A 1 50  ? -0.707  2.271   3.887   1.00 55.30 ? 50  VAL A CG2 1 
ATOM 262 N N   . THR A 1 51  ? -4.687  1.742   6.216   1.00 57.90 ? 51  THR A N   1 
ATOM 263 C CA  . THR A 1 51  ? -6.105  1.487   6.404   1.00 57.90 ? 51  THR A CA  1 
ATOM 264 C C   . THR A 1 51  ? -6.877  2.775   6.169   1.00 57.90 ? 51  THR A C   1 
ATOM 265 O O   . THR A 1 51  ? -6.300  3.857   6.036   1.00 57.90 ? 51  THR A O   1 
ATOM 266 C CB  . THR A 1 51  ? -6.398  0.929   7.801   1.00 57.90 ? 51  THR A CB  1 
ATOM 267 O OG1 . THR A 1 51  ? -7.596  0.145   7.764   1.00 57.90 ? 51  THR A OG1 1 
ATOM 268 C CG2 . THR A 1 51  ? -6.560  2.054   8.808   1.00 57.90 ? 51  THR A CG2 1 
ATOM 269 N N   . GLN A 1 52  ? -8.196  2.650   6.116   1.00 56.79 ? 52  GLN A N   1 
ATOM 270 C CA  . GLN A 1 52  ? -9.081  3.778   5.868   1.00 56.79 ? 52  GLN A CA  1 
ATOM 271 C C   . GLN A 1 52  ? -9.719  4.217   7.179   1.00 56.79 ? 52  GLN A C   1 
ATOM 272 O O   . GLN A 1 52  ? -10.239 3.385   7.929   1.00 56.79 ? 52  GLN A O   1 
ATOM 273 C CB  . GLN A 1 52  ? -10.156 3.394   4.852   1.00 56.79 ? 52  GLN A CB  1 
ATOM 274 C CG  . GLN A 1 52  ? -11.463 4.129   5.018   1.00 56.79 ? 52  GLN A CG  1 
ATOM 275 C CD  . GLN A 1 52  ? -11.426 5.501   4.398   1.00 56.79 ? 52  GLN A CD  1 
ATOM 276 O OE1 . GLN A 1 52  ? -11.436 5.641   3.178   1.00 56.79 ? 52  GLN A OE1 1 
ATOM 277 N NE2 . GLN A 1 52  ? -11.380 6.526   5.234   1.00 56.79 ? 52  GLN A NE2 1 
ATOM 278 N N   . VAL A 1 53  ? -9.668  5.517   7.458   1.00 56.14 ? 53  VAL A N   1 
ATOM 279 C CA  . VAL A 1 53  ? -10.272 6.092   8.655   1.00 56.14 ? 53  VAL A CA  1 
ATOM 280 C C   . VAL A 1 53  ? -11.198 7.217   8.223   1.00 56.14 ? 53  VAL A C   1 
ATOM 281 O O   . VAL A 1 53  ? -10.746 8.198   7.623   1.00 56.14 ? 53  VAL A O   1 
ATOM 282 C CB  . VAL A 1 53  ? -9.219  6.613   9.643   1.00 56.14 ? 53  VAL A CB  1 
ATOM 283 C CG1 . VAL A 1 53  ? -9.885  7.429   10.734  1.00 56.14 ? 53  VAL A CG1 1 
ATOM 284 C CG2 . VAL A 1 53  ? -8.448  5.458   10.243  1.00 56.14 ? 53  VAL A CG2 1 
ATOM 285 N N   . GLY A 1 54  ? -12.480 7.086   8.539   1.00 60.46 ? 54  GLY A N   1 
ATOM 286 C CA  . GLY A 1 54  ? -13.460 8.063   8.119   1.00 60.46 ? 54  GLY A CA  1 
ATOM 287 C C   . GLY A 1 54  ? -13.911 7.845   6.687   1.00 60.46 ? 54  GLY A C   1 
ATOM 288 O O   . GLY A 1 54  ? -13.549 6.878   6.018   1.00 60.46 ? 54  GLY A O   1 
ATOM 289 N N   . THR A 1 55  ? -14.736 8.773   6.216   1.00 59.44 ? 55  THR A N   1 
ATOM 290 C CA  . THR A 1 55  ? -15.251 8.707   4.861   1.00 59.44 ? 55  THR A CA  1 
ATOM 291 C C   . THR A 1 55  ? -14.267 9.330   3.881   1.00 59.44 ? 55  THR A C   1 
ATOM 292 O O   . THR A 1 55  ? -13.205 9.833   4.252   1.00 59.44 ? 55  THR A O   1 
ATOM 293 C CB  . THR A 1 55  ? -16.588 9.421   4.756   1.00 59.44 ? 55  THR A CB  1 
ATOM 294 O OG1 . THR A 1 55  ? -16.418 10.790  5.139   1.00 59.44 ? 55  THR A OG1 1 
ATOM 295 C CG2 . THR A 1 55  ? -17.585 8.769   5.674   1.00 59.44 ? 55  THR A CG2 1 
ATOM 296 N N   . ALA A 1 56  ? -14.639 9.294   2.604   1.00 59.37 ? 56  ALA A N   1 
ATOM 297 C CA  . ALA A 1 56  ? -13.822 9.867   1.538   1.00 59.37 ? 56  ALA A CA  1 
ATOM 298 C C   . ALA A 1 56  ? -14.756 10.514  0.522   1.00 59.37 ? 56  ALA A C   1 
ATOM 299 O O   . ALA A 1 56  ? -15.255 9.841   -0.383  1.00 59.37 ? 56  ALA A O   1 
ATOM 300 C CB  . ALA A 1 56  ? -12.949 8.804   0.888   1.00 59.37 ? 56  ALA A CB  1 
ATOM 301 N N   . THR A 1 57  ? -14.981 11.816  0.664   1.00 59.87 ? 57  THR A N   1 
ATOM 302 C CA  . THR A 1 57  ? -15.853 12.515  -0.267  1.00 59.87 ? 57  THR A CA  1 
ATOM 303 C C   . THR A 1 57  ? -15.183 12.610  -1.629  1.00 59.87 ? 57  THR A C   1 
ATOM 304 O O   . THR A 1 57  ? -14.039 13.061  -1.740  1.00 59.87 ? 57  THR A O   1 
ATOM 305 C CB  . THR A 1 57  ? -16.187 13.909  0.255   1.00 59.87 ? 57  THR A CB  1 
ATOM 306 O OG1 . THR A 1 57  ? -15.122 14.809  -0.072  1.00 59.87 ? 57  THR A OG1 1 
ATOM 307 C CG2 . THR A 1 57  ? -16.365 13.879  1.761   1.00 59.87 ? 57  THR A CG2 1 
ATOM 308 N N   . LEU A 1 58  ? -15.896 12.191  -2.667  1.00 61.02 ? 58  LEU A N   1 
ATOM 309 C CA  . LEU A 1 58  ? -15.385 12.201  -4.029  1.00 61.02 ? 58  LEU A CA  1 
ATOM 310 C C   . LEU A 1 58  ? -16.151 13.231  -4.844  1.00 61.02 ? 58  LEU A C   1 
ATOM 311 O O   . LEU A 1 58  ? -17.384 13.191  -4.902  1.00 61.02 ? 58  LEU A O   1 
ATOM 312 C CB  . LEU A 1 58  ? -15.507 10.819  -4.668  1.00 61.02 ? 58  LEU A CB  1 
ATOM 313 C CG  . LEU A 1 58  ? -15.405 10.768  -6.191  1.00 61.02 ? 58  LEU A CG  1 
ATOM 314 C CD1 . LEU A 1 58  ? -14.030 11.213  -6.644  1.00 61.02 ? 58  LEU A CD1 1 
ATOM 315 C CD2 . LEU A 1 58  ? -15.707 9.375   -6.696  1.00 61.02 ? 58  LEU A CD2 1 
ATOM 316 N N   . SER A 1 59  ? -15.422 14.149  -5.470  1.00 67.48 ? 59  SER A N   1 
ATOM 317 C CA  . SER A 1 59  ? -16.044 15.160  -6.307  1.00 67.48 ? 59  SER A CA  1 
ATOM 318 C C   . SER A 1 59  ? -16.402 14.570  -7.662  1.00 67.48 ? 59  SER A C   1 
ATOM 319 O O   . SER A 1 59  ? -15.667 13.743  -8.209  1.00 67.48 ? 59  SER A O   1 
ATOM 320 C CB  . SER A 1 59  ? -15.113 16.356  -6.488  1.00 67.48 ? 59  SER A CB  1 
ATOM 321 O OG  . SER A 1 59  ? -15.491 17.127  -7.615  1.00 67.48 ? 59  SER A OG  1 
ATOM 322 N N   . ALA A 1 60  ? -17.540 14.997  -8.202  1.00 70.18 ? 60  ALA A N   1 
ATOM 323 C CA  . ALA A 1 60  ? -17.994 14.511  -9.496  1.00 70.18 ? 60  ALA A CA  1 
ATOM 324 C C   . ALA A 1 60  ? -17.748 15.496  -10.628 1.00 70.18 ? 60  ALA A C   1 
ATOM 325 O O   . ALA A 1 60  ? -17.697 15.076  -11.789 1.00 70.18 ? 60  ALA A O   1 
ATOM 326 C CB  . ALA A 1 60  ? -19.487 14.173  -9.445  1.00 70.18 ? 60  ALA A CB  1 
ATOM 327 N N   . GLY A 1 61  ? -17.602 16.786  -10.324 1.00 76.36 ? 61  GLY A N   1 
ATOM 328 C CA  . GLY A 1 61  ? -17.375 17.761  -11.378 1.00 76.36 ? 61  GLY A CA  1 
ATOM 329 C C   . GLY A 1 61  ? -16.076 17.524  -12.123 1.00 76.36 ? 61  GLY A C   1 
ATOM 330 O O   . GLY A 1 61  ? -16.037 17.573  -13.355 1.00 76.36 ? 61  GLY A O   1 
ATOM 331 N N   . THR A 1 62  ? -15.000 17.264  -11.391 1.00 76.79 ? 62  THR A N   1 
ATOM 332 C CA  . THR A 1 62  ? -13.696 16.976  -11.977 1.00 76.79 ? 62  THR A CA  1 
ATOM 333 C C   . THR A 1 62  ? -13.153 15.617  -11.576 1.00 76.79 ? 62  THR A C   1 
ATOM 334 O O   . THR A 1 62  ? -12.504 14.951  -12.386 1.00 76.79 ? 62  THR A O   1 
ATOM 335 C CB  . THR A 1 62  ? -12.679 18.055  -11.578 1.00 76.79 ? 62  THR A CB  1 
ATOM 336 O OG1 . THR A 1 62  ? -12.159 17.763  -10.276 1.00 76.79 ? 62  THR A OG1 1 
ATOM 337 C CG2 . THR A 1 62  ? -13.327 19.431  -11.565 1.00 76.79 ? 62  THR A CG2 1 
ATOM 338 N N   . GLY A 1 63  ? -13.402 15.188  -10.344 1.00 71.58 ? 63  GLY A N   1 
ATOM 339 C CA  . GLY A 1 63  ? -12.876 13.937  -9.845  1.00 71.58 ? 63  GLY A CA  1 
ATOM 340 C C   . GLY A 1 63  ? -11.685 14.173  -8.945  1.00 71.58 ? 63  GLY A C   1 
ATOM 341 O O   . GLY A 1 63  ? -10.560 14.344  -9.420  1.00 71.58 ? 63  GLY A O   1 
ATOM 342 N N   . THR A 1 64  ? -11.923 14.187  -7.637  1.00 68.07 ? 64  THR A N   1 
ATOM 343 C CA  . THR A 1 64  ? -10.867 14.481  -6.673  1.00 68.07 ? 64  THR A CA  1 
ATOM 344 C C   . THR A 1 64  ? -11.279 13.866  -5.345  1.00 68.07 ? 64  THR A C   1 
ATOM 345 O O   . THR A 1 64  ? -12.212 14.355  -4.702  1.00 68.07 ? 64  THR A O   1 
ATOM 346 C CB  . THR A 1 64  ? -10.647 15.985  -6.532  1.00 68.07 ? 64  THR A CB  1 
ATOM 347 O OG1 . THR A 1 64  ? -10.728 16.618  -7.815  1.00 68.07 ? 64  THR A OG1 1 
ATOM 348 C CG2 . THR A 1 64  ? -9.287  16.267  -5.926  1.00 68.07 ? 64  THR A CG2 1 
ATOM 349 N N   . LEU A 1 65  ? -10.585 12.813  -4.934  1.00 60.52 ? 65  LEU A N   1 
ATOM 350 C CA  . LEU A 1 65  ? -10.894 12.177  -3.667  1.00 60.52 ? 65  LEU A CA  1 
ATOM 351 C C   . LEU A 1 65  ? -10.489 13.072  -2.504  1.00 60.52 ? 65  LEU A C   1 
ATOM 352 O O   . LEU A 1 65  ? -9.716  14.022  -2.649  1.00 60.52 ? 65  LEU A O   1 
ATOM 353 C CB  . LEU A 1 65  ? -10.179 10.836  -3.553  1.00 60.52 ? 65  LEU A CB  1 
ATOM 354 C CG  . LEU A 1 65  ? -10.959 9.560   -3.831  1.00 60.52 ? 65  LEU A CG  1 
ATOM 355 C CD1 . LEU A 1 65  ? -10.002 8.455   -4.212  1.00 60.52 ? 65  LEU A CD1 1 
ATOM 356 C CD2 . LEU A 1 65  ? -11.734 9.176   -2.595  1.00 60.52 ? 65  LEU A CD2 1 
ATOM 357 N N   . THR A 1 66  ? -11.031 12.757  -1.335  1.00 56.24 ? 66  THR A N   1 
ATOM 358 C CA  . THR A 1 66  ? -10.664 13.391  -0.077  1.00 56.24 ? 66  THR A CA  1 
ATOM 359 C C   . THR A 1 66  ? -10.460 12.323  0.983   1.00 56.24 ? 66  THR A C   1 
ATOM 360 O O   . THR A 1 66  ? -10.955 12.409  2.108   1.00 56.24 ? 66  THR A O   1 
ATOM 361 C CB  . THR A 1 66  ? -11.720 14.403  0.350   1.00 56.24 ? 66  THR A CB  1 
ATOM 362 O OG1 . THR A 1 66  ? -12.220 15.080  -0.809  1.00 56.24 ? 66  THR A OG1 1 
ATOM 363 C CG2 . THR A 1 66  ? -11.121 15.429  1.295   1.00 56.24 ? 66  THR A CG2 1 
ATOM 364 N N   . VAL A 1 67  ? -9.724  11.276  0.613   1.00 53.18 ? 67  VAL A N   1 
ATOM 365 C CA  . VAL A 1 67  ? -9.565  10.134  1.494   1.00 53.18 ? 67  VAL A CA  1 
ATOM 366 C C   . VAL A 1 67  ? -8.681  10.503  2.681   1.00 53.18 ? 67  VAL A C   1 
ATOM 367 O O   . VAL A 1 67  ? -7.892  11.454  2.643   1.00 53.18 ? 67  VAL A O   1 
ATOM 368 C CB  . VAL A 1 67  ? -8.992  8.939   0.717   1.00 53.18 ? 67  VAL A CB  1 
ATOM 369 C CG1 . VAL A 1 67  ? -7.493  9.087   0.551   1.00 53.18 ? 67  VAL A CG1 1 
ATOM 370 C CG2 . VAL A 1 67  ? -9.343  7.633   1.406   1.00 53.18 ? 67  VAL A CG2 1 
ATOM 371 N N   . THR A 1 68  ? -8.828  9.736   3.760   1.00 51.61 ? 68  THR A N   1 
ATOM 372 C CA  . THR A 1 68  ? -8.070  9.934   4.994   1.00 51.61 ? 68  THR A CA  1 
ATOM 373 C C   . THR A 1 68  ? -7.406  8.608   5.340   1.00 51.61 ? 68  THR A C   1 
ATOM 374 O O   . THR A 1 68  ? -7.967  7.801   6.085   1.00 51.61 ? 68  THR A O   1 
ATOM 375 C CB  . THR A 1 68  ? -8.973  10.417  6.114   1.00 51.61 ? 68  THR A CB  1 
ATOM 376 O OG1 . THR A 1 68  ? -9.695  11.573  5.678   1.00 51.61 ? 68  THR A OG1 1 
ATOM 377 C CG2 . THR A 1 68  ? -8.151  10.772  7.333   1.00 51.61 ? 68  THR A CG2 1 
ATOM 378 N N   . LEU A 1 69  ? -6.213  8.383   4.802   1.00 50.81 ? 69  LEU A N   1 
ATOM 379 C CA  . LEU A 1 69  ? -5.499  7.134   5.015   1.00 50.81 ? 69  LEU A CA  1 
ATOM 380 C C   . LEU A 1 69  ? -4.585  7.240   6.226   1.00 50.81 ? 69  LEU A C   1 
ATOM 381 O O   . LEU A 1 69  ? -3.923  8.260   6.435   1.00 50.81 ? 69  LEU A O   1 
ATOM 382 C CB  . LEU A 1 69  ? -4.682  6.764   3.780   1.00 50.81 ? 69  LEU A CB  1 
ATOM 383 C CG  . LEU A 1 69  ? -5.501  6.432   2.537   1.00 50.81 ? 69  LEU A CG  1 
ATOM 384 C CD1 . LEU A 1 69  ? -4.632  5.756   1.497   1.00 50.81 ? 69  LEU A CD1 1 
ATOM 385 C CD2 . LEU A 1 69  ? -6.675  5.552   2.907   1.00 50.81 ? 69  LEU A CD2 1 
ATOM 386 N N   . LYS A 1 70  ? -4.556  6.176   7.023   1.00 54.34 ? 70  LYS A N   1 
ATOM 387 C CA  . LYS A 1 70  ? -3.719  6.088   8.215   1.00 54.34 ? 70  LYS A CA  1 
ATOM 388 C C   . LYS A 1 70  ? -2.727  4.954   8.012   1.00 54.34 ? 70  LYS A C   1 
ATOM 389 O O   . LYS A 1 70  ? -3.118  3.784   7.976   1.00 54.34 ? 70  LYS A O   1 
ATOM 390 C CB  . LYS A 1 70  ? -4.567  5.850   9.462   1.00 54.34 ? 70  LYS A CB  1 
ATOM 391 C CG  . LYS A 1 70  ? -3.758  5.497   10.690  1.00 54.34 ? 70  LYS A CG  1 
ATOM 392 C CD  . LYS A 1 70  ? -3.982  4.056   11.121  1.00 54.34 ? 70  LYS A CD  1 
ATOM 393 C CE  . LYS A 1 70  ? -5.302  3.892   11.848  1.00 54.34 ? 70  LYS A CE  1 
ATOM 394 N NZ  . LYS A 1 70  ? -5.547  2.473   12.218  1.00 54.34 ? 70  LYS A NZ  1 
ATOM 395 N N   . ASN A 1 71  ? -1.449  5.294   7.881   1.00 58.68 ? 71  ASN A N   1 
ATOM 396 C CA  . ASN A 1 71  ? -0.407  4.304   7.664   1.00 58.68 ? 71  ASN A CA  1 
ATOM 397 C C   . ASN A 1 71  ? 0.549   4.283   8.847   1.00 58.68 ? 71  ASN A C   1 
ATOM 398 O O   . ASN A 1 71  ? 0.867   5.327   9.423   1.00 58.68 ? 71  ASN A O   1 
ATOM 399 C CB  . ASN A 1 71  ? 0.358   4.574   6.367   1.00 58.68 ? 71  ASN A CB  1 
ATOM 400 C CG  . ASN A 1 71  ? 1.394   5.654   6.518   1.00 58.68 ? 71  ASN A CG  1 
ATOM 401 O OD1 . ASN A 1 71  ? 1.124   6.709   7.083   1.00 58.68 ? 71  ASN A OD1 1 
ATOM 402 N ND2 . ASN A 1 71  ? 2.591   5.401   6.008   1.00 58.68 ? 71  ASN A ND2 1 
ATOM 403 N N   . THR A 1 72  ? 0.987   3.083   9.216   1.00 61.50 ? 72  THR A N   1 
ATOM 404 C CA  . THR A 1 72  ? 1.873   2.871   10.353  1.00 61.50 ? 72  THR A CA  1 
ATOM 405 C C   . THR A 1 72  ? 3.120   2.115   9.927   1.00 61.50 ? 72  THR A C   1 
ATOM 406 O O   . THR A 1 72  ? 3.559   1.178   10.598  1.00 61.50 ? 72  THR A O   1 
ATOM 407 C CB  . THR A 1 72  ? 1.162   2.121   11.475  1.00 61.50 ? 72  THR A CB  1 
ATOM 408 O OG1 . THR A 1 72  ? 1.245   0.712   11.231  1.00 61.50 ? 72  THR A OG1 1 
ATOM 409 C CG2 . THR A 1 72  ? -0.300  2.525   11.559  1.00 61.50 ? 72  THR A CG2 1 
ATOM 410 N N   . GLY A 1 73  ? 3.708   2.507   8.800   1.00 62.58 ? 73  GLY A N   1 
ATOM 411 C CA  . GLY A 1 73  ? 4.899   1.846   8.305   1.00 62.58 ? 73  GLY A CA  1 
ATOM 412 C C   . GLY A 1 73  ? 5.730   2.711   7.383   1.00 62.58 ? 73  GLY A C   1 
ATOM 413 O O   . GLY A 1 73  ? 5.894   3.910   7.625   1.00 62.58 ? 73  GLY A O   1 
ATOM 414 N N   . ALA A 1 74  ? 6.269   2.112   6.325   1.00 62.82 ? 74  ALA A N   1 
ATOM 415 C CA  . ALA A 1 74  ? 7.048   2.867   5.356   1.00 62.82 ? 74  ALA A CA  1 
ATOM 416 C C   . ALA A 1 74  ? 6.152   3.821   4.575   1.00 62.82 ? 74  ALA A C   1 
ATOM 417 O O   . ALA A 1 74  ? 4.953   3.590   4.409   1.00 62.82 ? 74  ALA A O   1 
ATOM 418 C CB  . ALA A 1 74  ? 7.768   1.925   4.395   1.00 62.82 ? 74  ALA A CB  1 
ATOM 419 N N   . ALA A 1 75  ? 6.749   4.909   4.099   1.00 61.97 ? 75  ALA A N   1 
ATOM 420 C CA  . ALA A 1 75  ? 6.016   5.925   3.347   1.00 61.97 ? 75  ALA A CA  1 
ATOM 421 C C   . ALA A 1 75  ? 5.814   5.421   1.925   1.00 61.97 ? 75  ALA A C   1 
ATOM 422 O O   . ALA A 1 75  ? 6.609   5.691   1.027   1.00 61.97 ? 75  ALA A O   1 
ATOM 423 C CB  . ALA A 1 75  ? 6.764   7.251   3.369   1.00 61.97 ? 75  ALA A CB  1 
ATOM 424 N N   . THR A 1 76  ? 4.726   4.683   1.718   1.00 62.15 ? 76  THR A N   1 
ATOM 425 C CA  . THR A 1 76  ? 4.413   4.114   0.414   1.00 62.15 ? 76  THR A CA  1 
ATOM 426 C C   . THR A 1 76  ? 3.750   5.170   -0.468  1.00 62.15 ? 76  THR A C   1 
ATOM 427 O O   . THR A 1 76  ? 3.721   6.359   -0.140  1.00 62.15 ? 76  THR A O   1 
ATOM 428 C CB  . THR A 1 76  ? 3.526   2.887   0.570   1.00 62.15 ? 76  THR A CB  1 
ATOM 429 O OG1 . THR A 1 76  ? 3.162   2.401   -0.727  1.00 62.15 ? 76  THR A OG1 1 
ATOM 430 C CG2 . THR A 1 76  ? 2.272   3.251   1.328   1.00 62.15 ? 76  THR A CG2 1 
ATOM 431 N N   . GLN A 1 77  ? 3.225   4.750   -1.615  1.00 63.70 ? 77  GLN A N   1 
ATOM 432 C CA  . GLN A 1 77  ? 2.527   5.665   -2.506  1.00 63.70 ? 77  GLN A CA  1 
ATOM 433 C C   . GLN A 1 77  ? 1.517   4.902   -3.349  1.00 63.70 ? 77  GLN A C   1 
ATOM 434 O O   . GLN A 1 77  ? 1.775   3.770   -3.765  1.00 63.70 ? 77  GLN A O   1 
ATOM 435 C CB  . GLN A 1 77  ? 3.502   6.420   -3.414  1.00 63.70 ? 77  GLN A CB  1 
ATOM 436 C CG  . GLN A 1 77  ? 4.448   5.535   -4.195  1.00 63.70 ? 77  GLN A CG  1 
ATOM 437 C CD  . GLN A 1 77  ? 5.314   6.327   -5.150  1.00 63.70 ? 77  GLN A CD  1 
ATOM 438 O OE1 . GLN A 1 77  ? 4.868   6.720   -6.226  1.00 63.70 ? 77  GLN A OE1 1 
ATOM 439 N NE2 . GLN A 1 77  ? 6.556   6.579   -4.755  1.00 63.70 ? 77  GLN A NE2 1 
ATOM 440 N N   . VAL A 1 78  ? 0.372   5.533   -3.600  1.00 61.33 ? 78  VAL A N   1 
ATOM 441 C CA  . VAL A 1 78  ? -0.645  4.939   -4.455  1.00 61.33 ? 78  VAL A CA  1 
ATOM 442 C C   . VAL A 1 78  ? -0.156  4.932   -5.896  1.00 61.33 ? 78  VAL A C   1 
ATOM 443 O O   . VAL A 1 78  ? 0.464   5.894   -6.365  1.00 61.33 ? 78  VAL A O   1 
ATOM 444 C CB  . VAL A 1 78  ? -1.967  5.708   -4.323  1.00 61.33 ? 78  VAL A CB  1 
ATOM 445 C CG1 . VAL A 1 78  ? -2.704  5.278   -3.083  1.00 61.33 ? 78  VAL A CG1 1 
ATOM 446 C CG2 . VAL A 1 78  ? -1.700  7.186   -4.271  1.00 61.33 ? 78  VAL A CG2 1 
ATOM 447 N N   . THR A 1 79  ? -0.427  3.840   -6.608  1.00 61.99 ? 79  THR A N   1 
ATOM 448 C CA  . THR A 1 79  ? -0.028  3.715   -8.002  1.00 61.99 ? 79  THR A CA  1 
ATOM 449 C C   . THR A 1 79  ? -1.207  3.630   -8.959  1.00 61.99 ? 79  THR A C   1 
ATOM 450 O O   . THR A 1 79  ? -0.996  3.636   -10.176 1.00 61.99 ? 79  THR A O   1 
ATOM 451 C CB  . THR A 1 79  ? 0.860   2.483   -8.200  1.00 61.99 ? 79  THR A CB  1 
ATOM 452 O OG1 . THR A 1 79  ? 0.038   1.314   -8.271  1.00 61.99 ? 79  THR A OG1 1 
ATOM 453 C CG2 . THR A 1 79  ? 1.828   2.337   -7.048  1.00 61.99 ? 79  THR A CG2 1 
ATOM 454 N N   . GLY A 1 80  ? -2.430  3.551   -8.453  1.00 62.56 ? 80  GLY A N   1 
ATOM 455 C CA  . GLY A 1 80  ? -3.589  3.463   -9.314  1.00 62.56 ? 80  GLY A CA  1 
ATOM 456 C C   . GLY A 1 80  ? -4.848  3.291   -8.494  1.00 62.56 ? 80  GLY A C   1 
ATOM 457 O O   . GLY A 1 80  ? -4.815  3.206   -7.264  1.00 62.56 ? 80  GLY A O   1 
ATOM 458 N N   . ALA A 1 81  ? -5.969  3.248   -9.208  1.00 64.70 ? 81  ALA A N   1 
ATOM 459 C CA  . ALA A 1 81  ? -7.267  3.099   -8.570  1.00 64.70 ? 81  ALA A CA  1 
ATOM 460 C C   . ALA A 1 81  ? -8.211  2.401   -9.535  1.00 64.70 ? 81  ALA A C   1 
ATOM 461 O O   . ALA A 1 81  ? -8.004  2.408   -10.750 1.00 64.70 ? 81  ALA A O   1 
ATOM 462 C CB  . ALA A 1 81  ? -7.841  4.451   -8.140  1.00 64.70 ? 81  ALA A CB  1 
ATOM 463 N N   . ILE A 1 82  ? -9.258  1.798   -8.979  1.00 64.97 ? 82  ILE A N   1 
ATOM 464 C CA  . ILE A 1 82  ? -10.242 1.054   -9.754  1.00 64.97 ? 82  ILE A CA  1 
ATOM 465 C C   . ILE A 1 82  ? -11.602 1.704   -9.549  1.00 64.97 ? 82  ILE A C   1 
ATOM 466 O O   . ILE A 1 82  ? -12.122 1.726   -8.427  1.00 64.97 ? 82  ILE A O   1 
ATOM 467 C CB  . ILE A 1 82  ? -10.281 -0.427  -9.356  1.00 64.97 ? 82  ILE A CB  1 
ATOM 468 C CG1 . ILE A 1 82  ? -8.865  -0.996  -9.304  1.00 64.97 ? 82  ILE A CG1 1 
ATOM 469 C CG2 . ILE A 1 82  ? -11.127 -1.213  -10.336 1.00 64.97 ? 82  ILE A CG2 1 
ATOM 470 C CD1 . ILE A 1 82  ? -8.816  -2.487  -9.089  1.00 64.97 ? 82  ILE A CD1 1 
ATOM 471 N N   . ILE A 1 83  ? -12.180 2.220   -10.631 1.00 68.49 ? 83  ILE A N   1 
ATOM 472 C CA  . ILE A 1 83  ? -13.499 2.844   -10.611 1.00 68.49 ? 83  ILE A CA  1 
ATOM 473 C C   . ILE A 1 83  ? -14.370 2.134   -11.634 1.00 68.49 ? 83  ILE A C   1 
ATOM 474 O O   . ILE A 1 83  ? -14.022 2.082   -12.820 1.00 68.49 ? 83  ILE A O   1 
ATOM 475 C CB  . ILE A 1 83  ? -13.428 4.346   -10.923 1.00 68.49 ? 83  ILE A CB  1 
ATOM 476 C CG1 . ILE A 1 83  ? -12.472 5.047   -9.964  1.00 68.49 ? 83  ILE A CG1 1 
ATOM 477 C CG2 . ILE A 1 83  ? -14.810 4.964   -10.826 1.00 68.49 ? 83  ILE A CG2 1 
ATOM 478 C CD1 . ILE A 1 83  ? -12.788 4.806   -8.524  1.00 68.49 ? 83  ILE A CD1 1 
ATOM 479 N N   . ASN A 1 84  ? -15.500 1.597   -11.176 1.00 70.02 ? 84  ASN A N   1 
ATOM 480 C CA  . ASN A 1 84  ? -16.486 0.971   -12.058 1.00 70.02 ? 84  ASN A CA  1 
ATOM 481 C C   . ASN A 1 84  ? -15.844 -0.097  -12.937 1.00 70.02 ? 84  ASN A C   1 
ATOM 482 O O   . ASN A 1 84  ? -16.144 -0.220  -14.126 1.00 70.02 ? 84  ASN A O   1 
ATOM 483 C CB  . ASN A 1 84  ? -17.195 2.024   -12.908 1.00 70.02 ? 84  ASN A CB  1 
ATOM 484 C CG  . ASN A 1 84  ? -17.878 3.080   -12.069 1.00 70.02 ? 84  ASN A CG  1 
ATOM 485 O OD1 . ASN A 1 84  ? -17.723 4.277   -12.309 1.00 70.02 ? 84  ASN A OD1 1 
ATOM 486 N ND2 . ASN A 1 84  ? -18.634 2.643   -11.072 1.00 70.02 ? 84  ASN A ND2 1 
ATOM 487 N N   . GLY A 1 85  ? -14.945 -0.876  -12.344 1.00 74.07 ? 85  GLY A N   1 
ATOM 488 C CA  . GLY A 1 85  ? -14.253 -1.914  -13.089 1.00 74.07 ? 85  GLY A CA  1 
ATOM 489 C C   . GLY A 1 85  ? -13.382 -1.387  -14.207 1.00 74.07 ? 85  GLY A C   1 
ATOM 490 O O   . GLY A 1 85  ? -13.381 -1.950  -15.309 1.00 74.07 ? 85  GLY A O   1 
ATOM 491 N N   . ASN A 1 86  ? -12.642 -0.311  -13.952 1.00 72.99 ? 86  ASN A N   1 
ATOM 492 C CA  . ASN A 1 86  ? -11.762 0.273   -14.951 1.00 72.99 ? 86  ASN A CA  1 
ATOM 493 C C   . ASN A 1 86  ? -10.458 0.690   -14.290 1.00 72.99 ? 86  ASN A C   1 
ATOM 494 O O   . ASN A 1 86  ? -10.448 1.098   -13.125 1.00 72.99 ? 86  ASN A O   1 
ATOM 495 C CB  . ASN A 1 86  ? -12.418 1.478   -15.632 1.00 72.99 ? 86  ASN A CB  1 
ATOM 496 C CG  . ASN A 1 86  ? -13.650 1.096   -16.425 1.00 72.99 ? 86  ASN A CG  1 
ATOM 497 O OD1 . ASN A 1 86  ? -14.764 1.502   -16.096 1.00 72.99 ? 86  ASN A OD1 1 
ATOM 498 N ND2 . ASN A 1 86  ? -13.457 0.305   -17.472 1.00 72.99 ? 86  ASN A ND2 1 
ATOM 499 N N   . ALA A 1 87  ? -9.363  0.581   -15.036 1.00 73.26 ? 87  ALA A N   1 
ATOM 500 C CA  . ALA A 1 87  ? -8.049  0.966   -14.534 1.00 73.26 ? 87  ALA A CA  1 
ATOM 501 C C   . ALA A 1 87  ? -7.880  2.470   -14.698 1.00 73.26 ? 87  ALA A C   1 
ATOM 502 O O   . ALA A 1 87  ? -7.817  2.977   -15.822 1.00 73.26 ? 87  ALA A O   1 
ATOM 503 C CB  . ALA A 1 87  ? -6.951  0.205   -15.271 1.00 73.26 ? 87  ALA A CB  1 
ATOM 504 N N   . ALA A 1 88  ? -7.809  3.186   -13.583 1.00 72.91 ? 88  ALA A N   1 
ATOM 505 C CA  . ALA A 1 88  ? -7.666  4.631   -13.593 1.00 72.91 ? 88  ALA A CA  1 
ATOM 506 C C   . ALA A 1 88  ? -6.209  5.016   -13.353 1.00 72.91 ? 88  ALA A C   1 
ATOM 507 O O   . ALA A 1 88  ? -5.345  4.172   -13.105 1.00 72.91 ? 88  ALA A O   1 
ATOM 508 C CB  . ALA A 1 88  ? -8.584  5.262   -12.546 1.00 72.91 ? 88  ALA A CB  1 
ATOM 509 N N   . SER A 1 89  ? -5.937  6.316   -13.431 1.00 77.31 ? 89  SER A N   1 
ATOM 510 C CA  . SER A 1 89  ? -4.613  6.861   -13.168 1.00 77.31 ? 89  SER A CA  1 
ATOM 511 C C   . SER A 1 89  ? -4.726  7.963   -12.128 1.00 77.31 ? 89  SER A C   1 
ATOM 512 O O   . SER A 1 89  ? -5.662  8.767   -12.166 1.00 77.31 ? 89  SER A O   1 
ATOM 513 C CB  . SER A 1 89  ? -3.970  7.410   -14.442 1.00 77.31 ? 89  SER A CB  1 
ATOM 514 O OG  . SER A 1 89  ? -4.532  8.660   -14.791 1.00 77.31 ? 89  SER A OG  1 
ATOM 515 N N   . VAL A 1 90  ? -3.768  8.000   -11.206 1.00 70.52 ? 90  VAL A N   1 
ATOM 516 C CA  . VAL A 1 90  ? -3.828  8.877   -10.044 1.00 70.52 ? 90  VAL A CA  1 
ATOM 517 C C   . VAL A 1 90  ? -2.736  9.931   -10.151 1.00 70.52 ? 90  VAL A C   1 
ATOM 518 O O   . VAL A 1 90  ? -1.603  9.632   -10.548 1.00 70.52 ? 90  VAL A O   1 
ATOM 519 C CB  . VAL A 1 90  ? -3.725  8.074   -8.735  1.00 70.52 ? 90  VAL A CB  1 
ATOM 520 C CG1 . VAL A 1 90  ? -4.626  6.865   -8.809  1.00 70.52 ? 90  VAL A CG1 1 
ATOM 521 C CG2 . VAL A 1 90  ? -2.298  7.637   -8.461  1.00 70.52 ? 90  VAL A CG2 1 
ATOM 522 N N   . SER A 1 91  ? -3.102  11.174  -9.867  1.00 73.22 ? 91  SER A N   1 
ATOM 523 C CA  . SER A 1 91  ? -2.166  12.286  -9.807  1.00 73.22 ? 91  SER A CA  1 
ATOM 524 C C   . SER A 1 91  ? -2.582  13.199  -8.666  1.00 73.22 ? 91  SER A C   1 
ATOM 525 O O   . SER A 1 91  ? -3.770  13.294  -8.345  1.00 73.22 ? 91  SER A O   1 
ATOM 526 C CB  . SER A 1 91  ? -2.129  13.059  -11.127 1.00 73.22 ? 91  SER A CB  1 
ATOM 527 O OG  . SER A 1 91  ? -3.128  14.060  -11.157 1.00 73.22 ? 91  SER A OG  1 
ATOM 528 N N   . GLY A 1 92  ? -1.608  13.857  -8.046  1.00 68.96 ? 92  GLY A N   1 
ATOM 529 C CA  . GLY A 1 92  ? -1.907  14.726  -6.925  1.00 68.96 ? 92  GLY A CA  1 
ATOM 530 C C   . GLY A 1 92  ? -0.964  14.520  -5.761  1.00 68.96 ? 92  GLY A C   1 
ATOM 531 O O   . GLY A 1 92  ? 0.246   14.373  -5.953  1.00 68.96 ? 92  GLY A O   1 
ATOM 532 N N   . GLN A 1 93  ? -1.503  14.519  -4.540  1.00 62.91 ? 93  GLN A N   1 
ATOM 533 C CA  . GLN A 1 93  ? -0.710  14.199  -3.355  1.00 62.91 ? 93  GLN A CA  1 
ATOM 534 C C   . GLN A 1 93  ? -0.588  12.683  -3.277  1.00 62.91 ? 93  GLN A C   1 
ATOM 535 O O   . GLN A 1 93  ? -1.238  12.006  -2.481  1.00 62.91 ? 93  GLN A O   1 
ATOM 536 C CB  . GLN A 1 93  ? -1.344  14.785  -2.104  1.00 62.91 ? 93  GLN A CB  1 
ATOM 537 C CG  . GLN A 1 93  ? -1.975  16.140  -2.316  1.00 62.91 ? 93  GLN A CG  1 
ATOM 538 C CD  . GLN A 1 93  ? -2.069  16.930  -1.033  1.00 62.91 ? 93  GLN A CD  1 
ATOM 539 O OE1 . GLN A 1 93  ? -2.713  16.507  -0.074  1.00 62.91 ? 93  GLN A OE1 1 
ATOM 540 N NE2 . GLN A 1 93  ? -1.411  18.081  -1.000  1.00 62.91 ? 93  GLN A NE2 1 
ATOM 541 N N   . VAL A 1 94  ? 0.289   12.148  -4.126  1.00 62.25 ? 94  VAL A N   1 
ATOM 542 C CA  . VAL A 1 94  ? 0.426   10.706  -4.290  1.00 62.25 ? 94  VAL A CA  1 
ATOM 543 C C   . VAL A 1 94  ? 1.367   10.076  -3.275  1.00 62.25 ? 94  VAL A C   1 
ATOM 544 O O   . VAL A 1 94  ? 1.279   8.863   -3.033  1.00 62.25 ? 94  VAL A O   1 
ATOM 545 C CB  . VAL A 1 94  ? 0.901   10.412  -5.728  1.00 62.25 ? 94  VAL A CB  1 
ATOM 546 C CG1 . VAL A 1 94  ? 0.719   8.961   -6.072  1.00 62.25 ? 94  VAL A CG1 1 
ATOM 547 C CG2 . VAL A 1 94  ? 0.149   11.287  -6.718  1.00 62.25 ? 94  VAL A CG2 1 
ATOM 548 N N   . THR A 1 95  ? 2.239   10.858  -2.647  1.00 62.46 ? 95  THR A N   1 
ATOM 549 C CA  . THR A 1 95  ? 3.188   10.330  -1.677  1.00 62.46 ? 95  THR A CA  1 
ATOM 550 C C   . THR A 1 95  ? 2.502   10.215  -0.322  1.00 62.46 ? 95  THR A C   1 
ATOM 551 O O   . THR A 1 95  ? 2.069   11.221  0.249   1.00 62.46 ? 95  THR A O   1 
ATOM 552 C CB  . THR A 1 95  ? 4.427   11.219  -1.584  1.00 62.46 ? 95  THR A CB  1 
ATOM 553 O OG1 . THR A 1 95  ? 4.839   11.613  -2.900  1.00 62.46 ? 95  THR A OG1 1 
ATOM 554 C CG2 . THR A 1 95  ? 5.562   10.476  -0.904  1.00 62.46 ? 95  THR A CG2 1 
ATOM 555 N N   . ILE A 1 96  ? 2.416   8.992   0.189   1.00 60.46 ? 96  ILE A N   1 
ATOM 556 C CA  . ILE A 1 96  ? 1.703   8.705   1.429   1.00 60.46 ? 96  ILE A CA  1 
ATOM 557 C C   . ILE A 1 96  ? 2.673   8.994   2.569   1.00 60.46 ? 96  ILE A C   1 
ATOM 558 O O   . ILE A 1 96  ? 3.659   8.278   2.751   1.00 60.46 ? 96  ILE A O   1 
ATOM 559 C CB  . ILE A 1 96  ? 1.223   7.250   1.470   1.00 60.46 ? 96  ILE A CB  1 
ATOM 560 C CG1 . ILE A 1 96  ? -0.116  7.089   0.751   1.00 60.46 ? 96  ILE A CG1 1 
ATOM 561 C CG2 . ILE A 1 96  ? 1.045   6.781   2.910   1.00 60.46 ? 96  ILE A CG2 1 
ATOM 562 C CD1 . ILE A 1 96  ? -1.289  7.599   1.500   1.00 60.46 ? 96  ILE A CD1 1 
ATOM 563 N N   . SER A 1 97  ? 2.430   10.069  3.309   1.00 60.60 ? 97  SER A N   1 
ATOM 564 C CA  . SER A 1 97  ? 3.282   10.358  4.451   1.00 60.60 ? 97  SER A CA  1 
ATOM 565 C C   . SER A 1 97  ? 2.908   9.468   5.632   1.00 60.60 ? 97  SER A C   1 
ATOM 566 O O   . SER A 1 97  ? 1.782   8.975   5.740   1.00 60.60 ? 97  SER A O   1 
ATOM 567 C CB  . SER A 1 97  ? 3.177   11.829  4.857   1.00 60.60 ? 97  SER A CB  1 
ATOM 568 O OG  . SER A 1 97  ? 3.437   12.689  3.765   1.00 60.60 ? 97  SER A OG  1 
ATOM 569 N N   . ALA A 1 98  ? 3.876   9.263   6.521   1.00 61.09 ? 98  ALA A N   1 
ATOM 570 C CA  . ALA A 1 98  ? 3.618   8.527   7.751   1.00 61.09 ? 98  ALA A CA  1 
ATOM 571 C C   . ALA A 1 98  ? 2.672   9.303   8.660   1.00 61.09 ? 98  ALA A C   1 
ATOM 572 O O   . ALA A 1 98  ? 2.784   10.522  8.806   1.00 61.09 ? 98  ALA A O   1 
ATOM 573 C CB  . ALA A 1 98  ? 4.930   8.242   8.479   1.00 61.09 ? 98  ALA A CB  1 
ATOM 574 N N   . GLY A 1 99  ? 1.748   8.591   9.282   1.00 60.17 ? 99  GLY A N   1 
ATOM 575 C CA  . GLY A 1 99  ? 0.817   9.232   10.188  1.00 60.17 ? 99  GLY A CA  1 
ATOM 576 C C   . GLY A 1 99  ? -0.484  9.608   9.503   1.00 60.17 ? 99  GLY A C   1 
ATOM 577 O O   . GLY A 1 99  ? -0.529  9.909   8.305   1.00 60.17 ? 99  GLY A O   1 
ATOM 578 N N   . GLN A 1 100 ? -1.566  9.601   10.280  1.00 55.76 ? 100 GLN A N   1 
ATOM 579 C CA  . GLN A 1 100 ? -2.887  9.902   9.743   1.00 55.76 ? 100 GLN A CA  1 
ATOM 580 C C   . GLN A 1 100 ? -2.942  11.328  9.211   1.00 55.76 ? 100 GLN A C   1 
ATOM 581 O O   . GLN A 1 100 ? -2.529  12.273  9.889   1.00 55.76 ? 100 GLN A O   1 
ATOM 582 C CB  . GLN A 1 100 ? -3.946  9.703   10.826  1.00 55.76 ? 100 GLN A CB  1 
ATOM 583 C CG  . GLN A 1 100 ? -5.317  10.257  10.473  1.00 55.76 ? 100 GLN A CG  1 
ATOM 584 C CD  . GLN A 1 100 ? -6.433  9.572   11.236  1.00 55.76 ? 100 GLN A CD  1 
ATOM 585 O OE1 . GLN A 1 100 ? -6.404  8.359   11.444  1.00 55.76 ? 100 GLN A OE1 1 
ATOM 586 N NE2 . GLN A 1 100 ? -7.425  10.347  11.656  1.00 55.76 ? 100 GLN A NE2 1 
ATOM 587 N N   . ASN A 1 101 ? -3.463  11.481  7.995   1.00 54.93 ? 101 ASN A N   1 
ATOM 588 C CA  . ASN A 1 101 ? -3.554  12.787  7.358   1.00 54.93 ? 101 ASN A CA  1 
ATOM 589 C C   . ASN A 1 101 ? -4.722  12.796  6.383   1.00 54.93 ? 101 ASN A C   1 
ATOM 590 O O   . ASN A 1 101 ? -5.231  11.747  5.980   1.00 54.93 ? 101 ASN A O   1 
ATOM 591 C CB  . ASN A 1 101 ? -2.255  13.153  6.632   1.00 54.93 ? 101 ASN A CB  1 
ATOM 592 C CG  . ASN A 1 101 ? -1.154  13.578  7.579   1.00 54.93 ? 101 ASN A CG  1 
ATOM 593 O OD1 . ASN A 1 101 ? -1.003  14.761  7.881   1.00 54.93 ? 101 ASN A OD1 1 
ATOM 594 N ND2 . ASN A 1 101 ? -0.369  12.615  8.045   1.00 54.93 ? 101 ASN A ND2 1 
ATOM 595 N N   . THR A 1 102 ? -5.146  14.003  6.009   1.00 54.09 ? 102 THR A N   1 
ATOM 596 C CA  . THR A 1 102 ? -6.213  14.209  5.035   1.00 54.09 ? 102 THR A CA  1 
ATOM 597 C C   . THR A 1 102 ? -5.573  14.417  3.667   1.00 54.09 ? 102 THR A C   1 
ATOM 598 O O   . THR A 1 102 ? -4.842  15.390  3.461   1.00 54.09 ? 102 THR A O   1 
ATOM 599 C CB  . THR A 1 102 ? -7.082  15.405  5.419   1.00 54.09 ? 102 THR A CB  1 
ATOM 600 O OG1 . THR A 1 102 ? -7.629  15.207  6.728   1.00 54.09 ? 102 THR A OG1 1 
ATOM 601 C CG2 . THR A 1 102 ? -8.221  15.569  4.431   1.00 54.09 ? 102 THR A CG2 1 
ATOM 602 N N   . TYR A 1 103 ? -5.844  13.509  2.737   1.00 56.87 ? 103 TYR A N   1 
ATOM 603 C CA  . TYR A 1 103 ? -5.196  13.493  1.433   1.00 56.87 ? 103 TYR A CA  1 
ATOM 604 C C   . TYR A 1 103 ? -6.157  13.921  0.334   1.00 56.87 ? 103 TYR A C   1 
ATOM 605 O O   . TYR A 1 103 ? -7.342  13.574  0.357   1.00 56.87 ? 103 TYR A O   1 
ATOM 606 C CB  . TYR A 1 103 ? -4.648  12.100  1.146   1.00 56.87 ? 103 TYR A CB  1 
ATOM 607 C CG  . TYR A 1 103 ? -3.465  11.787  2.018   1.00 56.87 ? 103 TYR A CG  1 
ATOM 608 C CD1 . TYR A 1 103 ? -2.658  12.804  2.501   1.00 56.87 ? 103 TYR A CD1 1 
ATOM 609 C CD2 . TYR A 1 103 ? -3.205  10.493  2.433   1.00 56.87 ? 103 TYR A CD2 1 
ATOM 610 C CE1 . TYR A 1 103 ? -1.585  12.535  3.317   1.00 56.87 ? 103 TYR A CE1 1 
ATOM 611 C CE2 . TYR A 1 103 ? -2.144  10.217  3.265   1.00 56.87 ? 103 TYR A CE2 1 
ATOM 612 C CZ  . TYR A 1 103 ? -1.333  11.237  3.699   1.00 56.87 ? 103 TYR A CZ  1 
ATOM 613 O OH  . TYR A 1 103 ? -0.272  10.948  4.523   1.00 56.87 ? 103 TYR A OH  1 
ATOM 614 N N   . SER A 1 104 ? -5.637  14.679  -0.628  1.00 58.83 ? 104 SER A N   1 
ATOM 615 C CA  . SER A 1 104 ? -6.419  15.223  -1.735  1.00 58.83 ? 104 SER A CA  1 
ATOM 616 C C   . SER A 1 104 ? -5.845  14.658  -3.029  1.00 58.83 ? 104 SER A C   1 
ATOM 617 O O   . SER A 1 104 ? -5.004  15.286  -3.677  1.00 58.83 ? 104 SER A O   1 
ATOM 618 C CB  . SER A 1 104 ? -6.390  16.746  -1.727  1.00 58.83 ? 104 SER A CB  1 
ATOM 619 O OG  . SER A 1 104 ? -7.449  17.282  -2.498  1.00 58.83 ? 104 SER A OG  1 
ATOM 620 N N   . ILE A 1 105 ? -6.300  13.475  -3.403  1.00 64.65 ? 105 ILE A N   1 
ATOM 621 C CA  . ILE A 1 105 ? -5.830  12.804  -4.606  1.00 64.65 ? 105 ILE A CA  1 
ATOM 622 C C   . ILE A 1 105 ? -6.831  13.044  -5.725  1.00 64.65 ? 105 ILE A C   1 
ATOM 623 O O   . ILE A 1 105 ? -8.026  13.259  -5.490  1.00 64.65 ? 105 ILE A O   1 
ATOM 624 C CB  . ILE A 1 105 ? -5.612  11.298  -4.355  1.00 64.65 ? 105 ILE A CB  1 
ATOM 625 C CG1 . ILE A 1 105 ? -4.558  10.744  -5.302  1.00 64.65 ? 105 ILE A CG1 1 
ATOM 626 C CG2 . ILE A 1 105 ? -6.887  10.529  -4.550  1.00 64.65 ? 105 ILE A CG2 1 
ATOM 627 C CD1 . ILE A 1 105 ? -4.491  9.242   -5.287  1.00 64.65 ? 105 ILE A CD1 1 
ATOM 628 N N   . SER A 1 106 ? -6.334  13.022  -6.957  1.00 67.38 ? 106 SER A N   1 
ATOM 629 C CA  . SER A 1 106 ? -7.150  13.248  -8.141  1.00 67.38 ? 106 SER A CA  1 
ATOM 630 C C   . SER A 1 106 ? -7.081  12.025  -9.039  1.00 67.38 ? 106 SER A C   1 
ATOM 631 O O   . SER A 1 106 ? -5.989  11.542  -9.354  1.00 67.38 ? 106 SER A O   1 
ATOM 632 C CB  . SER A 1 106 ? -6.685  14.486  -8.908  1.00 67.38 ? 106 SER A CB  1 
ATOM 633 O OG  . SER A 1 106 ? -6.952  14.352  -10.293 1.00 67.38 ? 106 SER A OG  1 
ATOM 634 N N   . LEU A 1 107 ? -8.243  11.535  -9.451  1.00 69.64 ? 107 LEU A N   1 
ATOM 635 C CA  . LEU A 1 107 ? -8.332  10.368  -10.309 1.00 69.64 ? 107 LEU A CA  1 
ATOM 636 C C   . LEU A 1 107 ? -8.240  10.795  -11.772 1.00 69.64 ? 107 LEU A C   1 
ATOM 637 O O   . LEU A 1 107 ? -8.072  11.974  -12.094 1.00 69.64 ? 107 LEU A O   1 
ATOM 638 C CB  . LEU A 1 107 ? -9.627  9.611   -10.029 1.00 69.64 ? 107 LEU A CB  1 
ATOM 639 C CG  . LEU A 1 107 ? -9.696  8.934   -8.660  1.00 69.64 ? 107 LEU A CG  1 
ATOM 640 C CD1 . LEU A 1 107 ? -10.841 7.950   -8.612  1.00 69.64 ? 107 LEU A CD1 1 
ATOM 641 C CD2 . LEU A 1 107 ? -8.389  8.236   -8.341  1.00 69.64 ? 107 LEU A CD2 1 
ATOM 642 N N   . GLY A 1 108 ? -8.340  9.822   -12.672 1.00 74.26 ? 108 GLY A N   1 
ATOM 643 C CA  . GLY A 1 108 ? -8.283  10.121  -14.089 1.00 74.26 ? 108 GLY A CA  1 
ATOM 644 C C   . GLY A 1 108 ? -8.920  9.020   -14.903 1.00 74.26 ? 108 GLY A C   1 
ATOM 645 O O   . GLY A 1 108 ? -9.215  7.932   -14.404 1.00 74.26 ? 108 GLY A O   1 
ATOM 646 N N   . GLY A 1 109 ? -9.128  9.323   -16.179 1.00 80.08 ? 109 GLY A N   1 
ATOM 647 C CA  . GLY A 1 109 ? -9.669  8.349   -17.110 1.00 80.08 ? 109 GLY A CA  1 
ATOM 648 C C   . GLY A 1 109 ? -11.098 7.929   -16.843 1.00 80.08 ? 109 GLY A C   1 
ATOM 649 O O   . GLY A 1 109 ? -11.436 6.753   -17.025 1.00 80.08 ? 109 GLY A O   1 
ATOM 650 N N   . ILE A 1 110 ? -11.947 8.858   -16.415 1.00 78.25 ? 110 ILE A N   1 
ATOM 651 C CA  . ILE A 1 110 ? -13.372 8.602   -16.246 1.00 78.25 ? 110 ILE A CA  1 
ATOM 652 C C   . ILE A 1 110 ? -14.142 9.703   -16.960 1.00 78.25 ? 110 ILE A C   1 
ATOM 653 O O   . ILE A 1 110 ? -13.795 10.884  -16.850 1.00 78.25 ? 110 ILE A O   1 
ATOM 654 C CB  . ILE A 1 110 ? -13.779 8.516   -14.761 1.00 78.25 ? 110 ILE A CB  1 
ATOM 655 C CG1 . ILE A 1 110 ? -13.485 9.826   -14.027 1.00 78.25 ? 110 ILE A CG1 1 
ATOM 656 C CG2 . ILE A 1 110 ? -13.073 7.358   -14.082 1.00 78.25 ? 110 ILE A CG2 1 
ATOM 657 C CD1 . ILE A 1 110 ? -14.182 9.938   -12.691 1.00 78.25 ? 110 ILE A CD1 1 
ATOM 658 N N   . SER A 1 111 ? -15.165 9.314   -17.715 1.00 80.93 ? 111 SER A N   1 
ATOM 659 C CA  . SER A 1 111 ? -15.981 10.292  -18.416 1.00 80.93 ? 111 SER A CA  1 
ATOM 660 C C   . SER A 1 111 ? -16.829 11.066  -17.418 1.00 80.93 ? 111 SER A C   1 
ATOM 661 O O   . SER A 1 111 ? -17.471 10.475  -16.544 1.00 80.93 ? 111 SER A O   1 
ATOM 662 C CB  . SER A 1 111 ? -16.872 9.601   -19.446 1.00 80.93 ? 111 SER A CB  1 
ATOM 663 O OG  . SER A 1 111 ? -18.094 10.300  -19.607 1.00 80.93 ? 111 SER A OG  1 
ATOM 664 N N   . SER A 1 112 ? -16.841 12.390  -17.550 1.00 81.00 ? 112 SER A N   1 
ATOM 665 C CA  . SER A 1 112 ? -17.589 13.217  -16.612 1.00 81.00 ? 112 SER A CA  1 
ATOM 666 C C   . SER A 1 112 ? -19.049 13.309  -17.032 1.00 81.00 ? 112 SER A C   1 
ATOM 667 O O   . SER A 1 112 ? -19.612 14.405  -17.118 1.00 81.00 ? 112 SER A O   1 
ATOM 668 C CB  . SER A 1 112 ? -16.976 14.614  -16.517 1.00 81.00 ? 112 SER A CB  1 
ATOM 669 O OG  . SER A 1 112 ? -16.929 15.234  -17.790 1.00 81.00 ? 112 SER A OG  1 
ATOM 670 N N   . SER A 1 113 ? -19.660 12.172  -17.291 1.00 78.41 ? 113 SER A N   1 
ATOM 671 C CA  . SER A 1 113 ? -21.085 12.086  -17.572 1.00 78.41 ? 113 SER A CA  1 
ATOM 672 C C   . SER A 1 113 ? -21.773 11.003  -16.760 1.00 78.41 ? 113 SER A C   1 
ATOM 673 O O   . SER A 1 113 ? -22.897 11.209  -16.297 1.00 78.41 ? 113 SER A O   1 
ATOM 674 C CB  . SER A 1 113 ? -21.306 11.833  -19.069 1.00 78.41 ? 113 SER A CB  1 
ATOM 675 O OG  . SER A 1 113 ? -20.695 10.619  -19.470 1.00 78.41 ? 113 SER A OG  1 
ATOM 676 N N   . THR A 1 114 ? -21.121 9.856   -16.570 1.00 73.80 ? 114 THR A N   1 
ATOM 677 C CA  . THR A 1 114 ? -21.717 8.783   -15.785 1.00 73.80 ? 114 THR A CA  1 
ATOM 678 C C   . THR A 1 114 ? -21.684 9.095   -14.297 1.00 73.80 ? 114 THR A C   1 
ATOM 679 O O   . THR A 1 114 ? -22.671 8.871   -13.591 1.00 73.80 ? 114 THR A O   1 
ATOM 680 C CB  . THR A 1 114 ? -20.991 7.467   -16.059 1.00 73.80 ? 114 THR A CB  1 
ATOM 681 O OG1 . THR A 1 114 ? -19.807 7.403   -15.256 1.00 73.80 ? 114 THR A OG1 1 
ATOM 682 C CG2 . THR A 1 114 ? -20.604 7.374   -17.524 1.00 73.80 ? 114 THR A CG2 1 
ATOM 683 N N   . LEU A 1 115 ? -20.562 9.615   -13.806 1.00 67.14 ? 115 LEU A N   1 
ATOM 684 C CA  . LEU A 1 115 ? -20.417 9.860   -12.380 1.00 67.14 ? 115 LEU A CA  1 
ATOM 685 C C   . LEU A 1 115 ? -21.184 11.086  -11.911 1.00 67.14 ? 115 LEU A C   1 
ATOM 686 O O   . LEU A 1 115 ? -21.508 11.176  -10.722 1.00 67.14 ? 115 LEU A O   1 
ATOM 687 C CB  . LEU A 1 115 ? -18.941 10.013  -12.021 1.00 67.14 ? 115 LEU A CB  1 
ATOM 688 C CG  . LEU A 1 115 ? -18.360 8.788   -11.324 1.00 67.14 ? 115 LEU A CG  1 
ATOM 689 C CD1 . LEU A 1 115 ? -19.109 8.528   -10.041 1.00 67.14 ? 115 LEU A CD1 1 
ATOM 690 C CD2 . LEU A 1 115 ? -18.427 7.578   -12.235 1.00 67.14 ? 115 LEU A CD2 1 
ATOM 691 N N   . GLN A 1 116 ? -21.475 12.029  -12.808 1.00 67.50 ? 116 GLN A N   1 
ATOM 692 C CA  . GLN A 1 116 ? -22.168 13.245  -12.397 1.00 67.50 ? 116 GLN A CA  1 
ATOM 693 C C   . GLN A 1 116 ? -23.603 12.952  -11.980 1.00 67.50 ? 116 GLN A C   1 
ATOM 694 O O   . GLN A 1 116 ? -24.136 13.620  -11.087 1.00 67.50 ? 116 GLN A O   1 
ATOM 695 C CB  . GLN A 1 116 ? -22.081 14.288  -13.525 1.00 67.50 ? 116 GLN A CB  1 
ATOM 696 C CG  . GLN A 1 116 ? -23.127 15.422  -13.577 1.00 67.50 ? 116 GLN A CG  1 
ATOM 697 C CD  . GLN A 1 116 ? -24.545 14.975  -13.905 1.00 67.50 ? 116 GLN A CD  1 
ATOM 698 O OE1 . GLN A 1 116 ? -24.760 13.893  -14.450 1.00 67.50 ? 116 GLN A OE1 1 
ATOM 699 N NE2 . GLN A 1 116 ? -25.519 15.811  -13.566 1.00 67.50 ? 116 GLN A NE2 1 
ATOM 700 N N   . ASN A 1 117 ? -24.243 11.968  -12.609 1.00 62.78 ? 117 ASN A N   1 
ATOM 701 C CA  . ASN A 1 117 ? -25.634 11.661  -12.308 1.00 62.78 ? 117 ASN A CA  1 
ATOM 702 C C   . ASN A 1 117 ? -25.820 11.010  -10.945 1.00 62.78 ? 117 ASN A C   1 
ATOM 703 O O   . ASN A 1 117 ? -26.963 10.881  -10.496 1.00 62.78 ? 117 ASN A O   1 
ATOM 704 C CB  . ASN A 1 117 ? -26.209 10.753  -13.392 1.00 62.78 ? 117 ASN A CB  1 
ATOM 705 C CG  . ASN A 1 117 ? -27.567 11.208  -13.866 1.00 62.78 ? 117 ASN A CG  1 
ATOM 706 O OD1 . ASN A 1 117 ? -27.956 12.356  -13.656 1.00 62.78 ? 117 ASN A OD1 1 
ATOM 707 N ND2 . ASN A 1 117 ? -28.300 10.310  -14.511 1.00 62.78 ? 117 ASN A ND2 1 
ATOM 708 N N   . LEU A 1 118 ? -24.741 10.598  -10.282 1.00 61.24 ? 118 LEU A N   1 
ATOM 709 C CA  . LEU A 1 118 ? -24.822 9.875   -9.021  1.00 61.24 ? 118 LEU A CA  1 
ATOM 710 C C   . LEU A 1 118 ? -24.525 10.762  -7.818  1.00 61.24 ? 118 LEU A C   1 
ATOM 711 O O   . LEU A 1 118 ? -24.009 10.277  -6.805  1.00 61.24 ? 118 LEU A O   1 
ATOM 712 C CB  . LEU A 1 118 ? -23.870 8.680   -9.037  1.00 61.24 ? 118 LEU A CB  1 
ATOM 713 C CG  . LEU A 1 118 ? -24.400 7.401   -9.675  1.00 61.24 ? 118 LEU A CG  1 
ATOM 714 C CD1 . LEU A 1 118 ? -23.595 6.206   -9.203  1.00 61.24 ? 118 LEU A CD1 1 
ATOM 715 C CD2 . LEU A 1 118 ? -25.867 7.232   -9.353  1.00 61.24 ? 118 LEU A CD2 1 
ATOM 716 N N   . VAL A 1 119 ? -24.844 12.053  -7.905  1.00 59.89 ? 119 VAL A N   1 
ATOM 717 C CA  . VAL A 1 119 ? -24.533 12.973  -6.820  1.00 59.89 ? 119 VAL A CA  1 
ATOM 718 C C   . VAL A 1 119 ? -25.345 12.599  -5.588  1.00 59.89 ? 119 VAL A C   1 
ATOM 719 O O   . VAL A 1 119 ? -26.564 12.402  -5.664  1.00 59.89 ? 119 VAL A O   1 
ATOM 720 C CB  . VAL A 1 119 ? -24.805 14.421  -7.250  1.00 59.89 ? 119 VAL A CB  1 
ATOM 721 C CG1 . VAL A 1 119 ? -24.934 15.308  -6.040  1.00 59.89 ? 119 VAL A CG1 1 
ATOM 722 C CG2 . VAL A 1 119 ? -23.698 14.920  -8.150  1.00 59.89 ? 119 VAL A CG2 1 
ATOM 723 N N   . GLY A 1 120 ? -24.671 12.496  -4.448  1.00 60.57 ? 120 GLY A N   1 
ATOM 724 C CA  . GLY A 1 120 ? -25.316 12.155  -3.199  1.00 60.57 ? 120 GLY A CA  1 
ATOM 725 C C   . GLY A 1 120 ? -25.393 10.679  -2.885  1.00 60.57 ? 120 GLY A C   1 
ATOM 726 O O   . GLY A 1 120 ? -25.943 10.316  -1.839  1.00 60.57 ? 120 GLY A O   1 
ATOM 727 N N   . SER A 1 121 ? -24.858 9.817   -3.740  1.00 61.15 ? 121 SER A N   1 
ATOM 728 C CA  . SER A 1 121 ? -24.879 8.380   -3.521  1.00 61.15 ? 121 SER A CA  1 
ATOM 729 C C   . SER A 1 121 ? -23.504 7.898   -3.078  1.00 61.15 ? 121 SER A C   1 
ATOM 730 O O   . SER A 1 121 ? -22.516 8.633   -3.124  1.00 61.15 ? 121 SER A O   1 
ATOM 731 C CB  . SER A 1 121 ? -25.320 7.644   -4.788  1.00 61.15 ? 121 SER A CB  1 
ATOM 732 O OG  . SER A 1 121 ? -24.801 8.278   -5.943  1.00 61.15 ? 121 SER A OG  1 
ATOM 733 N N   . THR A 1 122 ? -23.451 6.645   -2.640  1.00 61.14 ? 122 THR A N   1 
ATOM 734 C CA  . THR A 1 122 ? -22.226 6.038   -2.147  1.00 61.14 ? 122 THR A CA  1 
ATOM 735 C C   . THR A 1 122 ? -21.715 4.998   -3.133  1.00 61.14 ? 122 THR A C   1 
ATOM 736 O O   . THR A 1 122 ? -22.495 4.308   -3.793  1.00 61.14 ? 122 THR A O   1 
ATOM 737 C CB  . THR A 1 122 ? -22.445 5.380   -0.785  1.00 61.14 ? 122 THR A CB  1 
ATOM 738 O OG1 . THR A 1 122 ? -23.000 4.073   -0.970  1.00 61.14 ? 122 THR A OG1 1 
ATOM 739 C CG2 . THR A 1 122 ? -23.401 6.207   0.050   1.00 61.14 ? 122 THR A CG2 1 
ATOM 740 N N   . ILE A 1 123 ? -20.391 4.890   -3.226  1.00 54.70 ? 123 ILE A N   1 
ATOM 741 C CA  . ILE A 1 123 ? -19.727 3.889   -4.044  1.00 54.70 ? 123 ILE A CA  1 
ATOM 742 C C   . ILE A 1 123 ? -18.568 3.306   -3.242  1.00 54.70 ? 123 ILE A C   1 
ATOM 743 O O   . ILE A 1 123 ? -18.306 3.707   -2.107  1.00 54.70 ? 123 ILE A O   1 
ATOM 744 C CB  . ILE A 1 123 ? -19.227 4.462   -5.384  1.00 54.70 ? 123 ILE A CB  1 
ATOM 745 C CG1 . ILE A 1 123 ? -18.404 5.724   -5.154  1.00 54.70 ? 123 ILE A CG1 1 
ATOM 746 C CG2 . ILE A 1 123 ? -20.394 4.764   -6.300  1.00 54.70 ? 123 ILE A CG2 1 
ATOM 747 C CD1 . ILE A 1 123 ? -17.783 6.261   -6.413  1.00 54.70 ? 123 ILE A CD1 1 
ATOM 748 N N   . SER A 1 124 ? -17.868 2.349   -3.845  1.00 58.83 ? 124 SER A N   1 
ATOM 749 C CA  . SER A 1 124 ? -16.752 1.665   -3.210  1.00 58.83 ? 124 SER A CA  1 
ATOM 750 C C   . SER A 1 124 ? -15.508 1.828   -4.070  1.00 58.83 ? 124 SER A C   1 
ATOM 751 O O   . SER A 1 124 ? -15.565 1.649   -5.289  1.00 58.83 ? 124 SER A O   1 
ATOM 752 C CB  . SER A 1 124 ? -17.070 0.186   -3.003  1.00 58.83 ? 124 SER A CB  1 
ATOM 753 O OG  . SER A 1 124 ? -18.347 0.027   -2.410  1.00 58.83 ? 124 SER A OG  1 
ATOM 754 N N   . LEU A 1 125 ? -14.387 2.164   -3.434  1.00 57.08 ? 125 LEU A N   1 
ATOM 755 C CA  . LEU A 1 125 ? -13.149 2.477   -4.129  1.00 57.08 ? 125 LEU A CA  1 
ATOM 756 C C   . LEU A 1 125 ? -12.019 1.576   -3.650  1.00 57.08 ? 125 LEU A C   1 
ATOM 757 O O   . LEU A 1 125 ? -12.078 0.988   -2.569  1.00 57.08 ? 125 LEU A O   1 
ATOM 758 C CB  . LEU A 1 125 ? -12.743 3.938   -3.916  1.00 57.08 ? 125 LEU A CB  1 
ATOM 759 C CG  . LEU A 1 125 ? -13.157 4.976   -4.955  1.00 57.08 ? 125 LEU A CG  1 
ATOM 760 C CD1 . LEU A 1 125 ? -14.584 4.772   -5.405  1.00 57.08 ? 125 LEU A CD1 1 
ATOM 761 C CD2 . LEU A 1 125 ? -12.975 6.362   -4.390  1.00 57.08 ? 125 LEU A CD2 1 
ATOM 762 N N   . THR A 1 126 ? -10.983 1.475   -4.480  1.00 59.13 ? 126 THR A N   1 
ATOM 763 C CA  . THR A 1 126 ? -9.760  0.768   -4.135  1.00 59.13 ? 126 THR A CA  1 
ATOM 764 C C   . THR A 1 126 ? -8.557  1.559   -4.623  1.00 59.13 ? 126 THR A C   1 
ATOM 765 O O   . THR A 1 126 ? -8.567  2.095   -5.734  1.00 59.13 ? 126 THR A O   1 
ATOM 766 C CB  . THR A 1 126 ? -9.747  -0.633  -4.733  1.00 59.13 ? 126 THR A CB  1 
ATOM 767 O OG1 . THR A 1 126 ? -10.797 -1.398  -4.142  1.00 59.13 ? 126 THR A OG1 1 
ATOM 768 C CG2 . THR A 1 126 ? -8.429  -1.322  -4.464  1.00 59.13 ? 126 THR A CG2 1 
ATOM 769 N N   . LEU A 1 127 ? -7.525  1.626   -3.791  1.00 58.29 ? 127 LEU A N   1 
ATOM 770 C CA  . LEU A 1 127 ? -6.293  2.321   -4.123  1.00 58.29 ? 127 LEU A CA  1 
ATOM 771 C C   . LEU A 1 127 ? -5.171  1.307   -4.303  1.00 58.29 ? 127 LEU A C   1 
ATOM 772 O O   . LEU A 1 127 ? -5.036  0.369   -3.512  1.00 58.29 ? 127 LEU A O   1 
ATOM 773 C CB  . LEU A 1 127 ? -5.927  3.332   -3.037  1.00 58.29 ? 127 LEU A CB  1 
ATOM 774 C CG  . LEU A 1 127 ? -6.348  4.782   -3.267  1.00 58.29 ? 127 LEU A CG  1 
ATOM 775 C CD1 . LEU A 1 127 ? -7.737  4.860   -3.861  1.00 58.29 ? 127 LEU A CD1 1 
ATOM 776 C CD2 . LEU A 1 127 ? -6.294  5.542   -1.962  1.00 58.29 ? 127 LEU A CD2 1 
ATOM 777 N N   . GLN A 1 128 ? -4.372  1.501   -5.345  1.00 63.55 ? 128 GLN A N   1 
ATOM 778 C CA  . GLN A 1 128 ? -3.331  0.555   -5.733  1.00 63.55 ? 128 GLN A CA  1 
ATOM 779 C C   . GLN A 1 128 ? -2.028  1.019   -5.095  1.00 63.55 ? 128 GLN A C   1 
ATOM 780 O O   . GLN A 1 128 ? -1.316  1.854   -5.657  1.00 63.55 ? 128 GLN A O   1 
ATOM 781 C CB  . GLN A 1 128 ? -3.209  0.493   -7.251  1.00 63.55 ? 128 GLN A CB  1 
ATOM 782 C CG  . GLN A 1 128 ? -4.123  -0.488  -8.008  1.00 63.55 ? 128 GLN A CG  1 
ATOM 783 C CD  . GLN A 1 128 ? -4.348  -1.854  -7.367  1.00 63.55 ? 128 GLN A CD  1 
ATOM 784 O OE1 . GLN A 1 128 ? -3.730  -2.226  -6.371  1.00 63.55 ? 128 GLN A OE1 1 
ATOM 785 N NE2 . GLN A 1 128 ? -5.281  -2.602  -7.942  1.00 63.55 ? 128 GLN A NE2 1 
ATOM 786 N N   . LEU A 1 129 ? -1.705  0.474   -3.931  1.00 59.70 ? 129 LEU A N   1 
ATOM 787 C CA  . LEU A 1 129 ? -0.540  0.932   -3.194  1.00 59.70 ? 129 LEU A CA  1 
ATOM 788 C C   . LEU A 1 129 ? 0.730   0.273   -3.718  1.00 59.70 ? 129 LEU A C   1 
ATOM 789 O O   . LEU A 1 129 ? 0.701   -0.800  -4.322  1.00 59.70 ? 129 LEU A O   1 
ATOM 790 C CB  . LEU A 1 129 ? -0.705  0.653   -1.705  1.00 59.70 ? 129 LEU A CB  1 
ATOM 791 C CG  . LEU A 1 129 ? -1.469  1.727   -0.944  1.00 59.70 ? 129 LEU A CG  1 
ATOM 792 C CD1 . LEU A 1 129 ? -1.441  1.431   0.524   1.00 59.70 ? 129 LEU A CD1 1 
ATOM 793 C CD2 . LEU A 1 129 ? -0.821  3.057   -1.202  1.00 59.70 ? 129 LEU A CD2 1 
ATOM 794 N N   . SER A 1 130 ? 1.858   0.939   -3.473  1.00 63.12 ? 130 SER A N   1 
ATOM 795 C CA  . SER A 1 130 ? 3.134   0.517   -4.035  1.00 63.12 ? 130 SER A CA  1 
ATOM 796 C C   . SER A 1 130 ? 3.808   -0.591  -3.242  1.00 63.12 ? 130 SER A C   1 
ATOM 797 O O   . SER A 1 130 ? 4.747   -1.204  -3.758  1.00 63.12 ? 130 SER A O   1 
ATOM 798 C CB  . SER A 1 130 ? 4.083   1.710   -4.137  1.00 63.12 ? 130 SER A CB  1 
ATOM 799 O OG  . SER A 1 130 ? 3.978   2.537   -2.993  1.00 63.12 ? 130 SER A OG  1 
ATOM 800 N N   . ASN A 1 131 ? 3.373   -0.866  -2.018  1.00 63.49 ? 131 ASN A N   1 
ATOM 801 C CA  . ASN A 1 131 ? 3.975   -1.937  -1.239  1.00 63.49 ? 131 ASN A CA  1 
ATOM 802 C C   . ASN A 1 131 ? 3.261   -3.269  -1.427  1.00 63.49 ? 131 ASN A C   1 
ATOM 803 O O   . ASN A 1 131 ? 3.568   -4.231  -0.716  1.00 63.49 ? 131 ASN A O   1 
ATOM 804 C CB  . ASN A 1 131 ? 4.042   -1.553  0.245   1.00 63.49 ? 131 ASN A CB  1 
ATOM 805 C CG  . ASN A 1 131 ? 2.681   -1.334  0.867   1.00 63.49 ? 131 ASN A CG  1 
ATOM 806 O OD1 . ASN A 1 131 ? 1.753   -2.110  0.662   1.00 63.49 ? 131 ASN A OD1 1 
ATOM 807 N ND2 . ASN A 1 131 ? 2.561   -0.267  1.649   1.00 63.49 ? 131 ASN A ND2 1 
ATOM 808 N N   . GLY A 1 132 ? 2.313   -3.342  -2.354  1.00 62.98 ? 132 GLY A N   1 
ATOM 809 C CA  . GLY A 1 132 ? 1.723   -4.599  -2.749  1.00 62.98 ? 132 GLY A CA  1 
ATOM 810 C C   . GLY A 1 132 ? 0.368   -4.921  -2.167  1.00 62.98 ? 132 GLY A C   1 
ATOM 811 O O   . GLY A 1 132 ? -0.143  -6.017  -2.417  1.00 62.98 ? 132 GLY A O   1 
ATOM 812 N N   . GLN A 1 133 ? -0.235  -4.013  -1.408  1.00 61.20 ? 133 GLN A N   1 
ATOM 813 C CA  . GLN A 1 133 ? -1.536  -4.266  -0.809  1.00 61.20 ? 133 GLN A CA  1 
ATOM 814 C C   . GLN A 1 133 ? -2.501  -3.150  -1.169  1.00 61.20 ? 133 GLN A C   1 
ATOM 815 O O   . GLN A 1 133 ? -2.148  -1.970  -1.121  1.00 61.20 ? 133 GLN A O   1 
ATOM 816 C CB  . GLN A 1 133 ? -1.430  -4.413  0.716   1.00 61.20 ? 133 GLN A CB  1 
ATOM 817 C CG  . GLN A 1 133 ? -1.043  -3.156  1.474   1.00 61.20 ? 133 GLN A CG  1 
ATOM 818 C CD  . GLN A 1 133 ? -2.242  -2.405  1.995   1.00 61.20 ? 133 GLN A CD  1 
ATOM 819 O OE1 . GLN A 1 133 ? -3.364  -2.903  1.956   1.00 61.20 ? 133 GLN A OE1 1 
ATOM 820 N NE2 . GLN A 1 133 ? -2.011  -1.202  2.500   1.00 61.20 ? 133 GLN A NE2 1 
ATOM 821 N N   . THR A 1 134 ? -3.716  -3.530  -1.539  1.00 60.08 ? 134 THR A N   1 
ATOM 822 C CA  . THR A 1 134 ? -4.753  -2.569  -1.874  1.00 60.08 ? 134 THR A CA  1 
ATOM 823 C C   . THR A 1 134 ? -5.557  -2.211  -0.632  1.00 60.08 ? 134 THR A C   1 
ATOM 824 O O   . THR A 1 134 ? -5.657  -2.997  0.311   1.00 60.08 ? 134 THR A O   1 
ATOM 825 C CB  . THR A 1 134 ? -5.684  -3.129  -2.948  1.00 60.08 ? 134 THR A CB  1 
ATOM 826 O OG1 . THR A 1 134 ? -6.741  -3.863  -2.322  1.00 60.08 ? 134 THR A OG1 1 
ATOM 827 C CG2 . THR A 1 134 ? -4.924  -4.055  -3.876  1.00 60.08 ? 134 THR A CG2 1 
ATOM 828 N N   . VAL A 1 135 ? -6.129  -1.013  -0.638  1.00 55.22 ? 135 VAL A N   1 
ATOM 829 C CA  . VAL A 1 135 ? -6.985  -0.546  0.444   1.00 55.22 ? 135 VAL A CA  1 
ATOM 830 C C   . VAL A 1 135 ? -8.359  -0.240  -0.129  1.00 55.22 ? 135 VAL A C   1 
ATOM 831 O O   . VAL A 1 135 ? -8.475  0.465   -1.138  1.00 55.22 ? 135 VAL A O   1 
ATOM 832 C CB  . VAL A 1 135 ? -6.397  0.685   1.154   1.00 55.22 ? 135 VAL A CB  1 
ATOM 833 C CG1 . VAL A 1 135 ? -5.980  1.730   0.147   1.00 55.22 ? 135 VAL A CG1 1 
ATOM 834 C CG2 . VAL A 1 135 ? -7.410  1.260   2.121   1.00 55.22 ? 135 VAL A CG2 1 
ATOM 835 N N   . THR A 1 136 ? -9.393  -0.786  0.499   1.00 55.27 ? 136 THR A N   1 
ATOM 836 C CA  . THR A 1 136 ? -10.758 -0.518  0.079   1.00 55.27 ? 136 THR A CA  1 
ATOM 837 C C   . THR A 1 136 ? -11.247 0.776   0.712   1.00 55.27 ? 136 THR A C   1 
ATOM 838 O O   . THR A 1 136 ? -11.052 1.011   1.906   1.00 55.27 ? 136 THR A O   1 
ATOM 839 C CB  . THR A 1 136 ? -11.675 -1.674  0.467   1.00 55.27 ? 136 THR A CB  1 
ATOM 840 O OG1 . THR A 1 136 ? -11.021 -2.915  0.179   1.00 55.27 ? 136 THR A OG1 1 
ATOM 841 C CG2 . THR A 1 136 ? -12.966 -1.604  -0.316  1.00 55.27 ? 136 THR A CG2 1 
ATOM 842 N N   . VAL A 1 137 ? -11.879 1.619   -0.097  1.00 55.68 ? 137 VAL A N   1 
ATOM 843 C CA  . VAL A 1 137 ? -12.312 2.942   0.329   1.00 55.68 ? 137 VAL A CA  1 
ATOM 844 C C   . VAL A 1 137 ? -13.803 3.082   0.068   1.00 55.68 ? 137 VAL A C   1 
ATOM 845 O O   . VAL A 1 137 ? -14.273 2.784   -1.035  1.00 55.68 ? 137 VAL A O   1 
ATOM 846 C CB  . VAL A 1 137 ? -11.536 4.054   -0.397  1.00 55.68 ? 137 VAL A CB  1 
ATOM 847 C CG1 . VAL A 1 137 ? -12.001 5.409   0.073   1.00 55.68 ? 137 VAL A CG1 1 
ATOM 848 C CG2 . VAL A 1 137 ? -10.051 3.895   -0.162  1.00 55.68 ? 137 VAL A CG2 1 
ATOM 849 N N   . SER A 1 138 ? -14.539 3.533   1.077   1.00 56.64 ? 138 SER A N   1 
ATOM 850 C CA  . SER A 1 138 ? -15.939 3.896   0.922   1.00 56.64 ? 138 SER A CA  1 
ATOM 851 C C   . SER A 1 138 ? -16.035 5.398   0.708   1.00 56.64 ? 138 SER A C   1 
ATOM 852 O O   . SER A 1 138 ? -15.350 6.174   1.380   1.00 56.64 ? 138 SER A O   1 
ATOM 853 C CB  . SER A 1 138 ? -16.756 3.487   2.145   1.00 56.64 ? 138 SER A CB  1 
ATOM 854 O OG  . SER A 1 138 ? -17.964 4.221   2.207   1.00 56.64 ? 138 SER A OG  1 
ATOM 855 N N   . ALA A 1 139 ? -16.879 5.807   -0.234  1.00 58.93 ? 139 ALA A N   1 
ATOM 856 C CA  . ALA A 1 139 ? -16.898 7.187   -0.687  1.00 58.93 ? 139 ALA A CA  1 
ATOM 857 C C   . ALA A 1 139 ? -18.313 7.739   -0.709  1.00 58.93 ? 139 ALA A C   1 
ATOM 858 O O   . ALA A 1 139 ? -19.287 7.004   -0.886  1.00 58.93 ? 139 ALA A O   1 
ATOM 859 C CB  . ALA A 1 139 ? -16.282 7.319   -2.082  1.00 58.93 ? 139 ALA A CB  1 
ATOM 860 N N   . ILE A 1 140 ? -18.408 9.051   -0.523  1.00 58.57 ? 140 ILE A N   1 
ATOM 861 C CA  . ILE A 1 140 ? -19.641 9.806   -0.707  1.00 58.57 ? 140 ILE A CA  1 
ATOM 862 C C   . ILE A 1 140 ? -19.455 10.688  -1.930  1.00 58.57 ? 140 ILE A C   1 
ATOM 863 O O   . ILE A 1 140 ? -18.486 11.451  -2.010  1.00 58.57 ? 140 ILE A O   1 
ATOM 864 C CB  . ILE A 1 140 ? -19.982 10.655  0.525   1.00 58.57 ? 140 ILE A CB  1 
ATOM 865 C CG1 . ILE A 1 140 ? -20.380 9.766   1.697   1.00 58.57 ? 140 ILE A CG1 1 
ATOM 866 C CG2 . ILE A 1 140 ? -21.080 11.646  0.193   1.00 58.57 ? 140 ILE A CG2 1 
ATOM 867 C CD1 . ILE A 1 140 ? -21.123 10.506  2.786   1.00 58.57 ? 140 ILE A CD1 1 
ATOM 868 N N   . ILE A 1 141 ? -20.373 10.587  -2.879  1.00 61.10 ? 141 ILE A N   1 
ATOM 869 C CA  . ILE A 1 141 ? -20.291 11.397  -4.086  1.00 61.10 ? 141 ILE A CA  1 
ATOM 870 C C   . ILE A 1 141 ? -20.803 12.794  -3.774  1.00 61.10 ? 141 ILE A C   1 
ATOM 871 O O   . ILE A 1 141 ? -21.871 12.957  -3.176  1.00 61.10 ? 141 ILE A O   1 
ATOM 872 C CB  . ILE A 1 141 ? -21.091 10.756  -5.226  1.00 61.10 ? 141 ILE A CB  1 
ATOM 873 C CG1 . ILE A 1 141 ? -20.501 9.390   -5.560  1.00 61.10 ? 141 ILE A CG1 1 
ATOM 874 C CG2 . ILE A 1 141 ? -21.092 11.663  -6.440  1.00 61.10 ? 141 ILE A CG2 1 
ATOM 875 C CD1 . ILE A 1 141 ? -19.513 9.421   -6.682  1.00 61.10 ? 141 ILE A CD1 1 
ATOM 876 N N   . THR A 1 142 ? -20.035 13.805  -4.166  1.00 66.05 ? 142 THR A N   1 
ATOM 877 C CA  . THR A 1 142 ? -20.441 15.187  -3.974  1.00 66.05 ? 142 THR A CA  1 
ATOM 878 C C   . THR A 1 142 ? -20.112 15.983  -5.225  1.00 66.05 ? 142 THR A C   1 
ATOM 879 O O   . THR A 1 142 ? -19.249 15.604  -6.019  1.00 66.05 ? 142 THR A O   1 
ATOM 880 C CB  . THR A 1 142 ? -19.760 15.820  -2.758  1.00 66.05 ? 142 THR A CB  1 
ATOM 881 O OG1 . THR A 1 142 ? -20.172 17.187  -2.642  1.00 66.05 ? 142 THR A OG1 1 
ATOM 882 C CG2 . THR A 1 142 ? -18.254 15.764  -2.911  1.00 66.05 ? 142 THR A CG2 1 
ATOM 883 N N   . SER A 1 143 ? -20.819 17.094  -5.393  1.00 73.47 ? 143 SER A N   1 
ATOM 884 C CA  . SER A 1 143 ? -20.617 17.965  -6.542  1.00 73.47 ? 143 SER A CA  1 
ATOM 885 C C   . SER A 1 143 ? -19.219 18.568  -6.526  1.00 73.47 ? 143 SER A C   1 
ATOM 886 O O   . SER A 1 143 ? -18.604 18.706  -5.470  1.00 73.47 ? 143 SER A O   1 
ATOM 887 C CB  . SER A 1 143 ? -21.666 19.076  -6.566  1.00 73.47 ? 143 SER A CB  1 
ATOM 888 O OG  . SER A 1 143 ? -21.138 20.286  -6.055  1.00 73.47 ? 143 SER A OG  1 
ATOM 889 O OXT . SER A 1 143 ? -18.672 18.928  -7.568  1.00 73.47 ? 143 SER A OXT 1 
# 
